data_2EWG
#
_entry.id   2EWG
#
_cell.length_a   131.981
_cell.length_b   118.098
_cell.length_c   63.246
_cell.angle_alpha   90.00
_cell.angle_beta   112.48
_cell.angle_gamma   90.00
#
_symmetry.space_group_name_H-M   'C 1 2 1'
#
loop_
_entity.id
_entity.type
_entity.pdbx_description
1 polymer 'farnesyl pyrophosphate synthase'
2 non-polymer 'MAGNESIUM ION'
3 non-polymer '(1-HYDROXY-2-IMIDAZO[1,2-A]PYRIDIN-3-YLETHANE-1,1-DIYL)BIS(PHOSPHONIC ACID)'
4 non-polymer S-1,2-PROPANEDIOL
5 water water
#
_entity_poly.entity_id   1
_entity_poly.type   'polypeptide(L)'
_entity_poly.pdbx_seq_one_letter_code
;MGSSHHHHHHSSGLVPRGSHMASMPMQMFMQVYDEIQMFLLEELELKFDMDPNRVRYLRKMMDTTCLGGKYNRGLTVIDV
AESLLSLSPNNNGEEDDGARRKRVLHDACVCGWMIEFLQAHYLVEDDIMDNSVTRRGKPCWYRHPDVTVQCAINDGLLLK
SWTHMMAMHFFADRPFLQDLLCRFNRVDYTTAVGQLYDVTSMFDSNKLDPDVSQPTTTDFAEFTLSNYKRIVKYKTAYYT
YLLPLVMGLIVSEALPTVDMGVTEELAMLMGEYFQVQDDVMDCFTPPERLGKVGTDIQDAKCSWLAVTFLAKASSAQVAE
FKANYGSGDSEKVATVRRLYEEADLQGDYVAYEAAVAEQVKELIEKLRLCSPGFAASVETLWGKTYKRQK
;
_entity_poly.pdbx_strand_id   A,B
#
# COMPACT_ATOMS: atom_id res chain seq x y z
N MET A 24 -15.81 36.82 -8.81
CA MET A 24 -14.78 37.62 -9.46
C MET A 24 -13.79 36.74 -10.22
N PRO A 25 -13.14 35.76 -9.61
CA PRO A 25 -12.13 34.97 -10.33
C PRO A 25 -12.68 34.38 -11.63
N MET A 26 -13.78 33.64 -11.56
CA MET A 26 -14.37 33.07 -12.77
C MET A 26 -14.59 34.15 -13.83
N GLN A 27 -14.94 35.33 -13.35
CA GLN A 27 -15.19 36.50 -14.19
C GLN A 27 -14.00 36.80 -15.07
N MET A 28 -12.88 37.18 -14.44
CA MET A 28 -11.69 37.50 -15.22
C MET A 28 -11.15 36.26 -15.92
N PHE A 29 -11.29 35.12 -15.27
CA PHE A 29 -10.80 33.87 -15.86
C PHE A 29 -11.39 33.67 -17.25
N MET A 30 -12.70 33.77 -17.35
CA MET A 30 -13.40 33.42 -18.58
C MET A 30 -13.16 34.41 -19.71
N GLN A 31 -12.67 35.61 -19.40
CA GLN A 31 -12.47 36.55 -20.52
C GLN A 31 -11.05 36.45 -21.05
N VAL A 32 -10.20 35.77 -20.28
CA VAL A 32 -8.83 35.55 -20.75
C VAL A 32 -8.83 34.36 -21.71
N TYR A 33 -9.72 33.41 -21.44
CA TYR A 33 -9.92 32.33 -22.40
C TYR A 33 -10.18 32.92 -23.78
N ASP A 34 -11.06 33.91 -23.81
CA ASP A 34 -11.43 34.63 -25.03
C ASP A 34 -10.26 35.44 -25.58
N GLU A 35 -9.42 35.91 -24.65
CA GLU A 35 -8.18 36.57 -25.03
C GLU A 35 -7.27 35.58 -25.73
N ILE A 36 -6.82 34.57 -24.99
CA ILE A 36 -5.95 33.52 -25.50
C ILE A 36 -6.46 33.00 -26.84
N GLN A 37 -7.75 32.70 -26.92
CA GLN A 37 -8.43 32.18 -28.09
C GLN A 37 -8.48 33.19 -29.23
N MET A 38 -8.72 34.45 -28.87
CA MET A 38 -8.64 35.51 -29.87
C MET A 38 -7.30 35.45 -30.60
N PHE A 39 -6.24 35.34 -29.79
CA PHE A 39 -4.86 35.37 -30.24
C PHE A 39 -4.47 34.13 -31.03
N LEU A 40 -4.56 32.96 -30.40
CA LEU A 40 -4.13 31.71 -31.04
C LEU A 40 -4.75 31.54 -32.43
N LEU A 41 -6.04 31.88 -32.52
CA LEU A 41 -6.75 31.72 -33.79
C LEU A 41 -6.30 32.76 -34.79
N GLU A 42 -6.10 34.00 -34.35
CA GLU A 42 -5.63 35.00 -35.31
C GLU A 42 -4.21 34.69 -35.76
N GLU A 43 -3.39 34.17 -34.85
CA GLU A 43 -2.02 33.82 -35.16
C GLU A 43 -1.98 32.68 -36.18
N LEU A 44 -3.03 31.88 -36.14
CA LEU A 44 -3.29 30.74 -37.00
C LEU A 44 -3.73 31.17 -38.39
N GLU A 45 -4.44 32.28 -38.41
CA GLU A 45 -5.08 32.85 -39.59
C GLU A 45 -4.15 33.79 -40.34
N LEU A 46 -3.34 34.50 -39.58
CA LEU A 46 -2.43 35.50 -40.11
C LEU A 46 -1.06 34.90 -40.38
N LYS A 47 -0.70 33.86 -39.62
CA LYS A 47 0.66 33.34 -39.69
C LYS A 47 0.76 31.93 -40.24
N PHE A 48 -0.27 31.10 -40.11
CA PHE A 48 -0.07 29.72 -40.56
C PHE A 48 -0.87 29.43 -41.82
N ASP A 49 -1.46 30.45 -42.41
CA ASP A 49 -2.21 30.29 -43.65
C ASP A 49 -3.49 29.50 -43.43
N MET A 50 -4.21 29.74 -42.32
CA MET A 50 -5.40 28.93 -42.08
C MET A 50 -6.64 29.60 -42.66
N ASP A 51 -7.53 28.73 -43.14
CA ASP A 51 -8.82 29.10 -43.70
C ASP A 51 -9.87 29.09 -42.59
N PRO A 52 -10.89 29.89 -42.79
CA PRO A 52 -11.95 30.05 -41.80
C PRO A 52 -12.61 28.71 -41.44
N ASN A 53 -12.62 27.80 -42.41
CA ASN A 53 -13.27 26.51 -42.17
C ASN A 53 -12.60 25.78 -41.01
N ARG A 54 -11.28 25.83 -41.02
CA ARG A 54 -10.46 25.14 -40.04
C ARG A 54 -10.41 25.91 -38.72
N VAL A 55 -10.25 27.23 -38.80
CA VAL A 55 -10.29 28.06 -37.60
C VAL A 55 -11.59 27.73 -36.86
N ARG A 56 -12.67 27.76 -37.63
CA ARG A 56 -13.97 27.29 -37.15
C ARG A 56 -13.84 25.89 -36.56
N TYR A 57 -12.95 25.06 -37.12
CA TYR A 57 -12.83 23.73 -36.54
C TYR A 57 -12.07 23.79 -35.23
N LEU A 58 -10.86 24.34 -35.30
CA LEU A 58 -10.02 24.42 -34.11
C LEU A 58 -10.73 25.14 -32.98
N ARG A 59 -11.48 26.17 -33.33
CA ARG A 59 -12.18 26.99 -32.34
C ARG A 59 -13.15 26.18 -31.48
N LYS A 60 -13.96 25.37 -32.14
CA LYS A 60 -14.89 24.44 -31.52
C LYS A 60 -14.13 23.34 -30.78
N MET A 61 -13.03 22.88 -31.37
CA MET A 61 -12.13 21.92 -30.75
C MET A 61 -11.67 22.44 -29.38
N MET A 62 -11.38 23.73 -29.33
CA MET A 62 -10.84 24.35 -28.12
C MET A 62 -11.91 24.52 -27.06
N ASP A 63 -13.10 24.95 -27.48
CA ASP A 63 -14.19 25.15 -26.53
C ASP A 63 -14.70 23.81 -25.99
N THR A 64 -14.90 22.83 -26.88
CA THR A 64 -15.43 21.56 -26.43
C THR A 64 -14.52 20.91 -25.39
N THR A 65 -13.23 20.90 -25.70
CA THR A 65 -12.27 20.18 -24.88
C THR A 65 -11.72 20.98 -23.73
N CYS A 66 -11.92 22.29 -23.66
CA CYS A 66 -11.30 23.10 -22.61
C CYS A 66 -12.32 23.72 -21.67
N LEU A 67 -13.58 23.73 -22.08
CA LEU A 67 -14.67 24.33 -21.32
C LEU A 67 -15.68 23.30 -20.84
N GLY A 68 -16.42 23.66 -19.80
CA GLY A 68 -17.42 22.80 -19.22
C GLY A 68 -17.10 22.45 -17.77
N GLY A 69 -15.87 21.99 -17.55
CA GLY A 69 -15.36 21.56 -16.27
C GLY A 69 -15.50 22.60 -15.19
N LYS A 70 -14.76 22.48 -14.10
CA LYS A 70 -14.95 23.50 -13.07
C LYS A 70 -13.70 24.35 -12.87
N TYR A 71 -12.72 24.13 -13.74
CA TYR A 71 -11.52 24.95 -13.78
C TYR A 71 -10.85 25.03 -12.42
N ASN A 72 -10.90 23.93 -11.68
CA ASN A 72 -10.30 23.94 -10.34
C ASN A 72 -8.79 24.14 -10.39
N ARG A 73 -8.16 23.56 -11.41
CA ARG A 73 -6.72 23.73 -11.57
C ARG A 73 -6.39 25.17 -11.93
N GLY A 74 -7.04 25.69 -12.96
CA GLY A 74 -6.84 27.05 -13.41
C GLY A 74 -7.38 28.12 -12.48
N LEU A 75 -8.14 27.77 -11.45
CA LEU A 75 -8.71 28.76 -10.53
C LEU A 75 -7.84 28.88 -9.27
N THR A 76 -7.34 27.73 -8.84
CA THR A 76 -6.37 27.63 -7.76
C THR A 76 -5.21 28.61 -7.99
N VAL A 77 -4.53 28.45 -9.11
CA VAL A 77 -3.45 29.32 -9.52
C VAL A 77 -3.80 30.78 -9.32
N ILE A 78 -5.04 31.12 -9.70
CA ILE A 78 -5.46 32.48 -9.42
C ILE A 78 -5.72 32.69 -7.93
N ASP A 79 -6.14 31.67 -7.19
CA ASP A 79 -6.30 31.95 -5.77
C ASP A 79 -4.94 32.11 -5.10
N VAL A 80 -4.03 31.21 -5.48
CA VAL A 80 -2.65 31.26 -4.99
C VAL A 80 -2.02 32.62 -5.25
N ALA A 81 -2.46 33.24 -6.34
CA ALA A 81 -1.97 34.51 -6.83
C ALA A 81 -2.56 35.68 -6.03
N GLU A 82 -3.88 35.72 -5.89
CA GLU A 82 -4.50 36.78 -5.12
C GLU A 82 -4.04 36.72 -3.67
N SER A 83 -4.08 35.50 -3.10
CA SER A 83 -3.70 35.37 -1.70
C SER A 83 -2.28 35.90 -1.48
N LEU A 84 -1.33 35.30 -2.19
CA LEU A 84 0.08 35.65 -2.09
C LEU A 84 0.33 37.12 -2.40
N LEU A 85 -0.49 37.77 -3.23
CA LEU A 85 -0.21 39.17 -3.53
C LEU A 85 -0.59 40.02 -2.31
N SER A 86 -1.38 39.39 -1.45
CA SER A 86 -1.85 39.98 -0.20
C SER A 86 -0.98 39.51 0.96
N LEU A 87 -1.49 38.57 1.73
CA LEU A 87 -0.79 38.03 2.90
C LEU A 87 0.67 37.73 2.59
N SER A 88 1.56 38.52 3.17
CA SER A 88 2.99 38.36 2.91
C SER A 88 3.27 38.37 1.41
N PRO A 89 3.10 39.54 0.80
CA PRO A 89 3.24 39.70 -0.64
C PRO A 89 4.64 40.09 -1.08
N ASN A 90 4.74 40.63 -2.30
CA ASN A 90 6.02 41.00 -2.88
C ASN A 90 6.55 42.32 -2.31
N ASN A 91 7.79 42.22 -1.82
CA ASN A 91 8.55 43.37 -1.38
C ASN A 91 8.84 44.27 -2.58
N ASN A 92 9.25 43.62 -3.67
CA ASN A 92 9.58 44.29 -4.93
C ASN A 92 8.36 45.03 -5.48
N GLY A 93 7.17 44.48 -5.26
CA GLY A 93 5.96 45.18 -5.68
C GLY A 93 5.94 46.55 -5.03
N GLU A 94 5.10 47.46 -5.50
CA GLU A 94 5.11 48.80 -4.90
C GLU A 94 4.40 48.80 -3.54
N GLU A 95 3.88 49.98 -3.15
CA GLU A 95 3.18 50.12 -1.89
C GLU A 95 1.66 50.11 -2.10
N ASP A 96 1.10 48.91 -2.20
CA ASP A 96 -0.32 48.67 -2.38
C ASP A 96 -0.91 49.47 -3.54
N ASP A 97 -0.49 49.15 -4.77
CA ASP A 97 -1.03 49.84 -5.94
C ASP A 97 -1.36 48.84 -7.06
N GLY A 98 -2.47 49.10 -7.73
CA GLY A 98 -3.16 48.27 -8.68
C GLY A 98 -2.54 48.10 -10.05
N ALA A 99 -1.22 48.09 -10.12
CA ALA A 99 -0.53 47.87 -11.39
C ALA A 99 0.01 46.45 -11.45
N ARG A 100 0.29 45.90 -10.27
CA ARG A 100 0.78 44.54 -10.18
C ARG A 100 -0.37 43.55 -10.10
N ARG A 101 -1.44 43.95 -9.42
CA ARG A 101 -2.62 43.12 -9.29
C ARG A 101 -3.09 42.60 -10.65
N LYS A 102 -3.09 43.48 -11.64
CA LYS A 102 -3.48 43.19 -13.00
C LYS A 102 -2.54 42.18 -13.66
N ARG A 103 -1.25 42.47 -13.62
CA ARG A 103 -0.26 41.57 -14.19
C ARG A 103 -0.38 40.16 -13.62
N VAL A 104 -0.26 40.07 -12.30
CA VAL A 104 -0.18 38.80 -11.60
C VAL A 104 -1.45 37.97 -11.79
N LEU A 105 -2.60 38.63 -11.65
CA LEU A 105 -3.88 37.93 -11.72
C LEU A 105 -4.18 37.51 -13.15
N HIS A 106 -3.69 38.32 -14.08
CA HIS A 106 -3.77 38.06 -15.50
C HIS A 106 -2.87 36.88 -15.83
N ASP A 107 -1.60 37.03 -15.43
CA ASP A 107 -0.62 35.96 -15.59
C ASP A 107 -1.17 34.68 -14.98
N ALA A 108 -1.69 34.83 -13.76
CA ALA A 108 -2.32 33.72 -13.04
C ALA A 108 -3.37 33.06 -13.91
N CYS A 109 -4.12 33.87 -14.66
CA CYS A 109 -5.14 33.34 -15.56
C CYS A 109 -4.50 32.64 -16.75
N VAL A 110 -3.47 33.25 -17.33
CA VAL A 110 -2.82 32.61 -18.47
C VAL A 110 -2.29 31.25 -18.05
N CYS A 111 -1.63 31.22 -16.90
CA CYS A 111 -1.08 30.01 -16.31
C CYS A 111 -2.15 28.94 -16.08
N GLY A 112 -3.31 29.37 -15.58
CA GLY A 112 -4.43 28.47 -15.37
C GLY A 112 -4.97 27.87 -16.66
N TRP A 113 -4.99 28.64 -17.74
CA TRP A 113 -5.43 28.09 -19.04
C TRP A 113 -4.37 27.16 -19.62
N MET A 114 -3.13 27.45 -19.24
CA MET A 114 -2.05 26.54 -19.60
C MET A 114 -2.35 25.16 -18.99
N ILE A 115 -2.57 25.13 -17.68
CA ILE A 115 -2.82 23.86 -17.01
C ILE A 115 -4.17 23.29 -17.43
N GLU A 116 -5.09 24.19 -17.75
CA GLU A 116 -6.40 23.70 -18.21
C GLU A 116 -6.31 23.20 -19.64
N PHE A 117 -5.46 23.82 -20.44
CA PHE A 117 -5.14 23.36 -21.79
C PHE A 117 -4.33 22.06 -21.75
N LEU A 118 -3.47 21.95 -20.75
CA LEU A 118 -2.65 20.78 -20.50
C LEU A 118 -3.51 19.53 -20.32
N GLN A 119 -4.55 19.68 -19.52
CA GLN A 119 -5.52 18.65 -19.15
C GLN A 119 -6.39 18.27 -20.34
N ALA A 120 -6.85 19.28 -21.07
CA ALA A 120 -7.60 19.07 -22.30
C ALA A 120 -6.80 18.26 -23.31
N HIS A 121 -5.48 18.50 -23.38
CA HIS A 121 -4.63 17.64 -24.21
C HIS A 121 -4.73 16.19 -23.75
N TYR A 122 -4.43 16.00 -22.48
CA TYR A 122 -4.30 14.70 -21.84
C TYR A 122 -5.64 13.99 -21.76
N LEU A 123 -6.72 14.77 -21.68
CA LEU A 123 -8.04 14.13 -21.74
C LEU A 123 -8.38 13.72 -23.17
N VAL A 124 -8.11 14.55 -24.17
CA VAL A 124 -8.45 14.17 -25.56
C VAL A 124 -7.79 12.84 -25.91
N GLU A 125 -6.52 12.70 -25.51
CA GLU A 125 -5.74 11.49 -25.73
C GLU A 125 -6.17 10.34 -24.84
N ASP A 126 -6.36 10.58 -23.55
CA ASP A 126 -6.79 9.53 -22.64
C ASP A 126 -8.11 8.89 -23.04
N ASP A 127 -9.07 9.66 -23.49
CA ASP A 127 -10.39 9.09 -23.80
C ASP A 127 -10.25 7.99 -24.84
N ILE A 128 -9.46 8.27 -25.87
CA ILE A 128 -9.19 7.30 -26.93
C ILE A 128 -8.50 6.07 -26.34
N MET A 129 -7.39 6.33 -25.66
CA MET A 129 -6.62 5.31 -24.98
C MET A 129 -7.55 4.42 -24.15
N ASP A 130 -8.12 5.02 -23.12
CA ASP A 130 -9.04 4.39 -22.17
C ASP A 130 -10.28 3.88 -22.90
N ASN A 131 -10.54 4.46 -24.06
CA ASN A 131 -11.68 4.13 -24.90
C ASN A 131 -12.96 4.34 -24.09
N SER A 132 -13.34 5.61 -24.02
CA SER A 132 -14.51 6.08 -23.30
C SER A 132 -15.52 6.68 -24.27
N VAL A 133 -16.80 6.57 -23.94
CA VAL A 133 -17.86 6.99 -24.85
C VAL A 133 -18.27 8.43 -24.61
N THR A 134 -18.40 8.85 -23.36
CA THR A 134 -18.69 10.25 -23.10
C THR A 134 -17.78 10.80 -22.00
N ARG A 135 -17.75 12.11 -21.88
CA ARG A 135 -17.09 12.83 -20.81
C ARG A 135 -17.86 14.13 -20.54
N ARG A 136 -17.96 14.50 -19.26
CA ARG A 136 -18.58 15.75 -18.91
C ARG A 136 -19.98 15.88 -19.50
N GLY A 137 -20.71 14.78 -19.54
CA GLY A 137 -22.08 14.86 -20.06
C GLY A 137 -22.14 14.91 -21.56
N LYS A 138 -20.99 14.98 -22.23
CA LYS A 138 -20.96 14.97 -23.69
C LYS A 138 -20.14 13.79 -24.20
N PRO A 139 -20.29 13.43 -25.46
CA PRO A 139 -19.46 12.35 -26.00
C PRO A 139 -18.00 12.79 -26.04
N CYS A 140 -17.06 11.87 -25.84
CA CYS A 140 -15.66 12.30 -25.93
C CYS A 140 -15.38 12.88 -27.32
N TRP A 141 -14.39 13.75 -27.42
CA TRP A 141 -14.08 14.49 -28.63
C TRP A 141 -13.96 13.57 -29.84
N TYR A 142 -13.16 12.51 -29.74
CA TYR A 142 -12.99 11.59 -30.87
C TYR A 142 -14.28 10.83 -31.16
N ARG A 143 -15.20 10.88 -30.22
CA ARG A 143 -16.57 10.41 -30.33
C ARG A 143 -17.48 11.53 -30.83
N HIS A 144 -17.00 12.25 -31.84
CA HIS A 144 -17.74 13.37 -32.41
C HIS A 144 -17.88 13.18 -33.92
N PRO A 145 -19.13 13.25 -34.35
CA PRO A 145 -19.58 13.08 -35.73
C PRO A 145 -18.56 13.43 -36.80
N ASP A 146 -18.09 14.67 -36.91
CA ASP A 146 -17.10 14.93 -37.96
C ASP A 146 -15.74 15.18 -37.33
N VAL A 147 -15.41 14.27 -36.42
CA VAL A 147 -14.11 14.19 -35.77
C VAL A 147 -13.59 12.76 -35.88
N THR A 148 -12.67 12.54 -36.81
CA THR A 148 -12.15 11.18 -36.98
C THR A 148 -11.24 10.83 -35.82
N VAL A 149 -11.04 9.54 -35.52
CA VAL A 149 -10.11 9.27 -34.42
C VAL A 149 -8.72 9.80 -34.76
N GLN A 150 -8.43 9.81 -36.05
CA GLN A 150 -7.16 10.26 -36.60
C GLN A 150 -6.98 11.76 -36.41
N CYS A 151 -8.05 12.52 -36.65
CA CYS A 151 -7.88 13.96 -36.44
C CYS A 151 -7.86 14.25 -34.95
N ALA A 152 -8.55 13.41 -34.17
CA ALA A 152 -8.58 13.66 -32.72
C ALA A 152 -7.21 13.56 -32.09
N ILE A 153 -6.38 12.61 -32.53
CA ILE A 153 -5.05 12.47 -31.95
C ILE A 153 -4.23 13.73 -32.14
N ASN A 154 -4.30 14.33 -33.32
CA ASN A 154 -3.58 15.55 -33.62
C ASN A 154 -4.16 16.70 -32.80
N ASP A 155 -5.49 16.73 -32.73
CA ASP A 155 -6.18 17.78 -31.97
C ASP A 155 -5.60 17.86 -30.56
N GLY A 156 -5.43 16.68 -29.97
CA GLY A 156 -4.82 16.61 -28.64
C GLY A 156 -3.43 17.23 -28.71
N LEU A 157 -2.65 16.85 -29.71
CA LEU A 157 -1.31 17.42 -29.87
C LEU A 157 -1.33 18.94 -29.93
N LEU A 158 -2.23 19.47 -30.74
CA LEU A 158 -2.41 20.91 -30.86
C LEU A 158 -2.68 21.57 -29.52
N LEU A 159 -3.64 21.00 -28.78
CA LEU A 159 -3.99 21.44 -27.44
C LEU A 159 -2.77 21.74 -26.57
N LYS A 160 -1.76 20.85 -26.65
CA LYS A 160 -0.54 21.02 -25.87
C LYS A 160 0.39 22.07 -26.47
N SER A 161 0.33 22.26 -27.79
CA SER A 161 1.14 23.29 -28.42
C SER A 161 0.64 24.68 -28.02
N TRP A 162 -0.67 24.78 -27.94
CA TRP A 162 -1.29 26.06 -27.58
C TRP A 162 -0.76 26.54 -26.23
N THR A 163 -0.55 25.61 -25.29
CA THR A 163 -0.04 25.98 -23.97
C THR A 163 1.27 26.73 -24.11
N HIS A 164 2.19 26.22 -24.91
CA HIS A 164 3.44 26.90 -25.24
C HIS A 164 3.24 28.23 -25.95
N MET A 165 2.36 28.27 -26.95
CA MET A 165 2.05 29.44 -27.74
C MET A 165 1.53 30.57 -26.86
N MET A 166 0.52 30.26 -26.06
CA MET A 166 0.00 31.31 -25.16
C MET A 166 1.06 31.70 -24.15
N ALA A 167 1.94 30.78 -23.75
CA ALA A 167 2.91 31.15 -22.73
C ALA A 167 3.94 32.12 -23.32
N MET A 168 4.41 31.78 -24.52
CA MET A 168 5.43 32.56 -25.19
C MET A 168 4.95 33.97 -25.48
N HIS A 169 3.70 34.03 -25.92
CA HIS A 169 3.07 35.29 -26.29
C HIS A 169 2.94 36.24 -25.11
N PHE A 170 2.35 35.78 -24.02
CA PHE A 170 2.08 36.64 -22.87
C PHE A 170 3.28 36.77 -21.94
N PHE A 171 4.06 35.71 -21.78
CA PHE A 171 5.14 35.76 -20.80
C PHE A 171 6.48 36.09 -21.43
N ALA A 172 6.43 36.59 -22.65
CA ALA A 172 7.61 36.98 -23.43
C ALA A 172 8.59 37.76 -22.54
N ASP A 173 8.23 39.01 -22.26
CA ASP A 173 8.99 39.88 -21.38
C ASP A 173 9.36 39.19 -20.07
N ARG A 174 8.43 38.36 -19.61
CA ARG A 174 8.41 37.77 -18.29
C ARG A 174 9.71 37.04 -17.95
N PRO A 175 10.35 37.61 -16.94
CA PRO A 175 11.60 37.14 -16.38
C PRO A 175 11.55 35.73 -15.80
N PHE A 176 10.35 35.16 -15.71
CA PHE A 176 10.21 33.84 -15.13
C PHE A 176 9.87 32.78 -16.19
N LEU A 177 9.67 33.26 -17.41
CA LEU A 177 9.23 32.43 -18.52
C LEU A 177 9.97 31.10 -18.58
N GLN A 178 11.30 31.16 -18.46
CA GLN A 178 12.05 29.91 -18.52
C GLN A 178 11.75 29.02 -17.32
N ASP A 179 11.36 29.60 -16.19
CA ASP A 179 11.10 28.81 -14.99
C ASP A 179 9.70 28.20 -15.04
N LEU A 180 8.79 28.97 -15.62
CA LEU A 180 7.41 28.54 -15.79
C LEU A 180 7.38 27.28 -16.64
N LEU A 181 7.95 27.45 -17.82
CA LEU A 181 8.04 26.45 -18.87
C LEU A 181 8.83 25.22 -18.43
N CYS A 182 9.98 25.40 -17.79
CA CYS A 182 10.75 24.24 -17.35
C CYS A 182 9.90 23.40 -16.40
N ARG A 183 9.54 23.98 -15.26
CA ARG A 183 8.70 23.31 -14.28
C ARG A 183 7.46 22.71 -14.92
N PHE A 184 6.76 23.57 -15.66
CA PHE A 184 5.52 23.20 -16.33
C PHE A 184 5.72 21.93 -17.14
N ASN A 185 6.87 21.84 -17.78
CA ASN A 185 7.20 20.71 -18.64
C ASN A 185 7.61 19.48 -17.83
N ARG A 186 8.21 19.70 -16.67
CA ARG A 186 8.51 18.60 -15.75
C ARG A 186 7.24 17.79 -15.49
N VAL A 187 6.23 18.52 -15.05
CA VAL A 187 4.90 18.01 -14.74
C VAL A 187 4.23 17.46 -15.98
N ASP A 188 4.45 18.14 -17.11
CA ASP A 188 3.91 17.57 -18.35
C ASP A 188 4.54 16.19 -18.55
N TYR A 189 5.85 16.12 -18.37
CA TYR A 189 6.59 14.87 -18.50
C TYR A 189 6.20 13.88 -17.42
N THR A 190 5.82 14.36 -16.24
CA THR A 190 5.44 13.53 -15.11
C THR A 190 4.06 12.89 -15.25
N THR A 191 3.24 13.40 -16.14
CA THR A 191 1.89 12.88 -16.40
C THR A 191 1.93 11.77 -17.44
N ALA A 192 2.71 11.95 -18.51
CA ALA A 192 2.87 10.87 -19.47
C ALA A 192 3.43 9.62 -18.77
N VAL A 193 4.46 9.83 -17.97
CA VAL A 193 5.02 8.73 -17.17
C VAL A 193 3.91 8.04 -16.39
N GLY A 194 3.13 8.86 -15.69
CA GLY A 194 1.97 8.36 -14.95
C GLY A 194 1.12 7.54 -15.89
N GLN A 195 0.84 8.14 -17.04
CA GLN A 195 -0.03 7.50 -18.02
C GLN A 195 0.50 6.13 -18.41
N LEU A 196 1.82 5.99 -18.40
CA LEU A 196 2.42 4.71 -18.82
C LEU A 196 2.20 3.70 -17.70
N TYR A 197 2.33 4.16 -16.46
CA TYR A 197 2.09 3.32 -15.29
C TYR A 197 0.67 2.75 -15.30
N ASP A 198 -0.31 3.62 -15.52
CA ASP A 198 -1.71 3.23 -15.54
C ASP A 198 -1.98 2.14 -16.58
N VAL A 199 -1.60 2.48 -17.80
CA VAL A 199 -1.87 1.73 -19.02
C VAL A 199 -1.10 0.43 -19.10
N THR A 200 -0.10 0.23 -18.24
CA THR A 200 0.60 -1.06 -18.26
C THR A 200 0.50 -1.77 -16.92
N SER A 201 -0.61 -1.63 -16.22
CA SER A 201 -0.81 -2.37 -14.97
C SER A 201 -1.79 -3.51 -15.21
N MET A 202 -2.11 -3.73 -16.48
CA MET A 202 -3.00 -4.80 -16.90
C MET A 202 -2.26 -6.12 -17.12
N PHE A 203 -0.94 -6.08 -17.13
CA PHE A 203 -0.11 -7.23 -17.47
C PHE A 203 1.14 -7.30 -16.60
N ASP A 204 1.83 -8.43 -16.65
CA ASP A 204 2.99 -8.66 -15.79
C ASP A 204 4.25 -7.96 -16.32
N SER A 205 4.74 -7.04 -15.50
CA SER A 205 5.88 -6.22 -15.86
C SER A 205 7.07 -7.05 -16.32
N ASN A 206 7.23 -8.24 -15.76
CA ASN A 206 8.34 -9.09 -16.17
C ASN A 206 8.25 -9.40 -17.67
N LYS A 207 7.02 -9.65 -18.10
CA LYS A 207 6.70 -10.02 -19.48
C LYS A 207 6.25 -8.81 -20.31
N LEU A 208 7.03 -7.75 -20.24
CA LEU A 208 6.85 -6.51 -20.96
C LEU A 208 7.97 -6.36 -22.01
N ASP A 209 7.70 -6.74 -23.24
CA ASP A 209 8.68 -6.68 -24.32
C ASP A 209 7.99 -6.58 -25.68
N PRO A 210 8.05 -5.41 -26.29
CA PRO A 210 7.37 -5.05 -27.53
C PRO A 210 7.20 -6.18 -28.54
N ASP A 211 8.14 -7.10 -28.63
CA ASP A 211 8.17 -8.15 -29.63
C ASP A 211 7.31 -9.37 -29.36
N VAL A 212 6.64 -9.48 -28.21
CA VAL A 212 5.86 -10.72 -28.02
C VAL A 212 4.45 -10.40 -27.60
N SER A 213 3.44 -11.23 -27.88
CA SER A 213 2.08 -10.84 -27.56
C SER A 213 1.84 -10.52 -26.08
N GLN A 214 1.12 -9.44 -25.84
CA GLN A 214 0.71 -8.83 -24.59
C GLN A 214 -0.61 -9.39 -24.07
N PRO A 215 -0.57 -10.42 -23.24
CA PRO A 215 -1.78 -11.05 -22.71
C PRO A 215 -2.13 -10.59 -21.31
N THR A 216 -3.39 -10.27 -21.01
CA THR A 216 -3.67 -9.72 -19.68
C THR A 216 -3.38 -10.77 -18.59
N THR A 217 -2.82 -10.26 -17.50
CA THR A 217 -2.52 -11.05 -16.32
C THR A 217 -3.79 -11.67 -15.74
N THR A 218 -3.63 -12.85 -15.17
CA THR A 218 -4.74 -13.61 -14.61
C THR A 218 -4.65 -13.70 -13.10
N ASP A 219 -3.44 -13.46 -12.58
CA ASP A 219 -3.16 -13.49 -11.16
C ASP A 219 -3.37 -12.10 -10.54
N PHE A 220 -3.42 -11.11 -11.41
CA PHE A 220 -3.62 -9.70 -11.04
C PHE A 220 -2.54 -9.27 -10.04
N ALA A 221 -1.37 -9.90 -10.15
CA ALA A 221 -0.31 -9.66 -9.18
C ALA A 221 0.03 -8.18 -9.08
N GLU A 222 0.04 -7.49 -10.21
CA GLU A 222 0.47 -6.10 -10.26
C GLU A 222 -0.49 -5.14 -9.56
N PHE A 223 -1.62 -5.62 -9.05
CA PHE A 223 -2.57 -4.74 -8.39
C PHE A 223 -2.27 -4.59 -6.90
N THR A 224 -1.22 -3.88 -6.55
CA THR A 224 -0.90 -3.69 -5.13
C THR A 224 -1.21 -2.27 -4.72
N LEU A 225 -1.42 -2.01 -3.42
CA LEU A 225 -1.68 -0.62 -3.06
C LEU A 225 -0.45 0.21 -3.45
N SER A 226 0.72 -0.30 -3.10
CA SER A 226 1.97 0.35 -3.46
C SER A 226 2.03 0.65 -4.95
N ASN A 227 1.65 -0.30 -5.79
CA ASN A 227 1.71 -0.01 -7.22
C ASN A 227 0.65 1.01 -7.60
N TYR A 228 -0.54 0.86 -7.02
CA TYR A 228 -1.61 1.83 -7.23
C TYR A 228 -1.09 3.25 -6.96
N LYS A 229 -0.58 3.40 -5.76
CA LYS A 229 -0.05 4.62 -5.21
C LYS A 229 0.78 5.38 -6.24
N ARG A 230 1.70 4.68 -6.88
CA ARG A 230 2.63 5.27 -7.84
C ARG A 230 1.91 5.71 -9.11
N ILE A 231 0.97 4.91 -9.61
CA ILE A 231 0.35 5.29 -10.88
C ILE A 231 -0.56 6.49 -10.68
N VAL A 232 -0.84 6.84 -9.44
CA VAL A 232 -1.74 7.94 -9.12
C VAL A 232 -0.95 9.19 -8.73
N LYS A 233 0.17 8.97 -8.05
CA LYS A 233 1.07 10.06 -7.71
C LYS A 233 1.48 10.89 -8.93
N TYR A 234 1.99 10.20 -9.94
CA TYR A 234 2.52 10.77 -11.17
C TYR A 234 1.45 11.10 -12.20
N LYS A 235 0.40 10.30 -12.24
CA LYS A 235 -0.58 10.44 -13.31
C LYS A 235 -1.58 11.55 -13.03
N THR A 236 -1.75 11.89 -11.75
CA THR A 236 -2.79 12.84 -11.38
C THR A 236 -2.44 13.86 -10.31
N ALA A 237 -1.47 13.59 -9.44
CA ALA A 237 -1.25 14.49 -8.33
C ALA A 237 -0.51 15.75 -8.75
N TYR A 238 0.53 15.54 -9.55
CA TYR A 238 1.46 16.54 -9.99
C TYR A 238 0.86 17.64 -10.83
N TYR A 239 -0.07 17.31 -11.74
CA TYR A 239 -0.65 18.34 -12.60
C TYR A 239 -1.97 18.85 -12.03
N THR A 240 -2.64 17.98 -11.28
CA THR A 240 -3.89 18.38 -10.63
C THR A 240 -3.60 19.27 -9.44
N TYR A 241 -2.68 18.85 -8.56
CA TYR A 241 -2.47 19.60 -7.33
C TYR A 241 -1.15 20.35 -7.23
N LEU A 242 -0.06 19.87 -7.82
CA LEU A 242 1.19 20.61 -7.61
C LEU A 242 1.33 21.74 -8.63
N LEU A 243 1.15 21.43 -9.91
CA LEU A 243 1.32 22.45 -10.95
C LEU A 243 0.48 23.69 -10.69
N PRO A 244 -0.81 23.60 -10.43
CA PRO A 244 -1.60 24.80 -10.11
C PRO A 244 -1.00 25.63 -8.98
N LEU A 245 -0.58 24.95 -7.92
CA LEU A 245 0.08 25.61 -6.81
C LEU A 245 1.33 26.34 -7.31
N VAL A 246 2.28 25.55 -7.80
CA VAL A 246 3.57 26.11 -8.19
C VAL A 246 3.40 27.24 -9.20
N MET A 247 2.44 27.13 -10.13
CA MET A 247 2.27 28.27 -11.03
C MET A 247 1.89 29.50 -10.22
N GLY A 248 0.98 29.30 -9.26
CA GLY A 248 0.53 30.35 -8.38
C GLY A 248 1.72 31.08 -7.77
N LEU A 249 2.60 30.32 -7.13
CA LEU A 249 3.81 30.89 -6.54
C LEU A 249 4.64 31.66 -7.57
N ILE A 250 5.02 30.99 -8.66
CA ILE A 250 5.93 31.58 -9.62
C ILE A 250 5.44 32.92 -10.14
N VAL A 251 4.15 32.94 -10.47
CA VAL A 251 3.56 34.17 -11.00
C VAL A 251 3.54 35.26 -9.95
N SER A 252 3.47 34.88 -8.67
CA SER A 252 3.52 35.94 -7.65
C SER A 252 4.92 36.03 -7.05
N GLU A 253 5.86 35.37 -7.72
CA GLU A 253 7.27 35.31 -7.33
C GLU A 253 7.42 35.10 -5.83
N ALA A 254 6.73 34.08 -5.33
CA ALA A 254 6.70 33.76 -3.92
C ALA A 254 7.15 32.34 -3.60
N LEU A 255 7.50 31.56 -4.62
CA LEU A 255 7.85 30.17 -4.34
C LEU A 255 8.97 30.00 -3.33
N PRO A 256 10.02 30.80 -3.25
CA PRO A 256 11.03 30.50 -2.21
C PRO A 256 10.47 30.64 -0.81
N THR A 257 9.51 31.55 -0.66
CA THR A 257 8.91 31.83 0.63
C THR A 257 8.21 30.64 1.26
N VAL A 258 8.00 29.57 0.50
CA VAL A 258 7.24 28.46 1.08
C VAL A 258 8.07 27.19 1.16
N ASP A 259 7.76 26.35 2.15
CA ASP A 259 8.42 25.07 2.30
C ASP A 259 7.93 24.10 1.23
N MET A 260 8.77 23.83 0.24
CA MET A 260 8.30 22.97 -0.85
C MET A 260 8.00 21.56 -0.35
N GLY A 261 8.92 21.01 0.42
CA GLY A 261 8.80 19.67 0.96
C GLY A 261 7.44 19.41 1.58
N VAL A 262 6.88 20.42 2.24
CA VAL A 262 5.57 20.28 2.84
C VAL A 262 4.49 20.49 1.78
N THR A 263 4.85 21.32 0.80
CA THR A 263 3.89 21.62 -0.27
C THR A 263 3.68 20.40 -1.16
N GLU A 264 4.77 19.73 -1.52
CA GLU A 264 4.61 18.56 -2.38
C GLU A 264 3.92 17.45 -1.59
N GLU A 265 4.16 17.41 -0.29
CA GLU A 265 3.54 16.40 0.56
C GLU A 265 2.02 16.42 0.39
N LEU A 266 1.39 17.57 0.60
CA LEU A 266 -0.06 17.64 0.43
C LEU A 266 -0.47 17.62 -1.04
N ALA A 267 0.35 18.14 -1.95
CA ALA A 267 -0.03 18.00 -3.36
C ALA A 267 -0.17 16.51 -3.67
N MET A 268 0.83 15.77 -3.20
CA MET A 268 0.86 14.33 -3.33
C MET A 268 -0.28 13.70 -2.53
N LEU A 269 -0.46 14.17 -1.30
CA LEU A 269 -1.54 13.71 -0.44
C LEU A 269 -2.89 13.94 -1.09
N MET A 270 -3.15 15.19 -1.46
CA MET A 270 -4.44 15.58 -2.01
C MET A 270 -4.71 14.96 -3.35
N GLY A 271 -3.67 14.80 -4.17
CA GLY A 271 -3.76 14.19 -5.48
C GLY A 271 -4.03 12.70 -5.45
N GLU A 272 -3.48 11.97 -4.48
CA GLU A 272 -3.80 10.53 -4.44
C GLU A 272 -5.29 10.38 -4.14
N TYR A 273 -5.71 11.16 -3.15
CA TYR A 273 -7.08 11.19 -2.63
C TYR A 273 -8.09 11.54 -3.72
N PHE A 274 -7.78 12.56 -4.50
CA PHE A 274 -8.59 12.98 -5.64
C PHE A 274 -8.81 11.84 -6.62
N GLN A 275 -7.74 11.08 -6.87
CA GLN A 275 -7.89 10.00 -7.87
C GLN A 275 -8.80 8.92 -7.31
N VAL A 276 -8.44 8.44 -6.13
CA VAL A 276 -9.20 7.48 -5.35
C VAL A 276 -10.68 7.84 -5.38
N GLN A 277 -10.96 9.10 -5.07
CA GLN A 277 -12.28 9.69 -5.20
C GLN A 277 -12.84 9.43 -6.60
N ASP A 278 -12.05 9.69 -7.63
CA ASP A 278 -12.46 9.46 -9.01
C ASP A 278 -12.85 8.00 -9.24
N ASP A 279 -11.89 7.13 -8.95
CA ASP A 279 -11.96 5.69 -8.93
C ASP A 279 -13.23 5.17 -8.26
N VAL A 280 -13.55 5.71 -7.09
CA VAL A 280 -14.76 5.29 -6.39
C VAL A 280 -16.01 5.83 -7.10
N MET A 281 -15.97 7.10 -7.45
CA MET A 281 -17.12 7.68 -8.14
C MET A 281 -17.40 6.88 -9.40
N ASP A 282 -16.31 6.53 -10.09
CA ASP A 282 -16.43 5.74 -11.30
C ASP A 282 -17.30 4.50 -11.10
N CYS A 283 -17.12 3.74 -10.03
CA CYS A 283 -17.94 2.54 -9.85
C CYS A 283 -19.31 2.88 -9.28
N PHE A 284 -19.41 3.87 -8.39
CA PHE A 284 -20.71 4.01 -7.74
C PHE A 284 -21.49 5.23 -8.19
N THR A 285 -20.83 6.29 -8.66
CA THR A 285 -21.64 7.46 -9.04
C THR A 285 -22.46 7.16 -10.28
N PRO A 286 -23.74 7.57 -10.24
CA PRO A 286 -24.61 7.40 -11.41
C PRO A 286 -24.04 8.23 -12.56
N PRO A 287 -24.04 7.72 -13.78
CA PRO A 287 -23.36 8.37 -14.90
C PRO A 287 -23.83 9.82 -15.07
N GLU A 288 -25.10 10.01 -14.72
CA GLU A 288 -25.76 11.30 -14.62
C GLU A 288 -24.90 12.26 -13.79
N ARG A 289 -24.92 12.09 -12.48
CA ARG A 289 -24.11 12.91 -11.59
C ARG A 289 -22.66 12.90 -12.05
N LEU A 290 -22.15 11.70 -12.28
CA LEU A 290 -20.78 11.45 -12.70
C LEU A 290 -20.38 12.31 -13.90
N GLY A 291 -21.10 12.14 -14.99
CA GLY A 291 -20.87 12.84 -16.24
C GLY A 291 -20.38 11.93 -17.35
N LYS A 292 -20.63 10.63 -17.23
CA LYS A 292 -20.24 9.63 -18.21
C LYS A 292 -20.61 8.22 -17.76
N VAL A 293 -20.39 7.28 -18.65
CA VAL A 293 -20.51 5.87 -18.28
C VAL A 293 -19.30 5.47 -17.43
N GLY A 294 -19.48 4.51 -16.54
CA GLY A 294 -18.40 3.96 -15.74
C GLY A 294 -17.57 2.96 -16.53
N THR A 295 -16.31 3.30 -16.79
CA THR A 295 -15.41 2.47 -17.59
C THR A 295 -14.74 1.37 -16.77
N ASP A 296 -13.66 1.71 -16.10
CA ASP A 296 -12.75 1.04 -15.22
C ASP A 296 -12.95 -0.45 -15.02
N ILE A 297 -14.11 -1.00 -14.69
CA ILE A 297 -14.13 -2.47 -14.57
C ILE A 297 -13.92 -3.12 -15.93
N GLN A 298 -14.78 -2.76 -16.87
CA GLN A 298 -14.69 -3.15 -18.27
C GLN A 298 -13.25 -3.00 -18.76
N ASP A 299 -12.73 -1.78 -18.59
CA ASP A 299 -11.36 -1.49 -18.98
C ASP A 299 -10.39 -2.29 -18.11
N ALA A 300 -10.87 -2.74 -16.95
CA ALA A 300 -10.12 -3.56 -16.02
C ALA A 300 -8.88 -2.85 -15.50
N LYS A 301 -9.00 -1.56 -15.18
CA LYS A 301 -7.78 -0.86 -14.78
C LYS A 301 -7.42 -1.15 -13.34
N CYS A 302 -6.23 -0.72 -12.95
CA CYS A 302 -5.81 -0.83 -11.55
C CYS A 302 -6.37 0.34 -10.74
N SER A 303 -7.68 0.32 -10.49
CA SER A 303 -8.30 1.36 -9.68
C SER A 303 -8.12 1.10 -8.19
N TRP A 304 -8.46 2.09 -7.37
CA TRP A 304 -8.30 1.98 -5.93
C TRP A 304 -9.11 0.84 -5.31
N LEU A 305 -10.33 0.64 -5.78
CA LEU A 305 -11.25 -0.41 -5.39
C LEU A 305 -10.68 -1.82 -5.53
N ALA A 306 -10.32 -2.19 -6.76
CA ALA A 306 -9.75 -3.49 -7.04
C ALA A 306 -8.56 -3.75 -6.11
N VAL A 307 -7.66 -2.77 -6.13
CA VAL A 307 -6.45 -2.93 -5.34
C VAL A 307 -6.77 -3.16 -3.87
N THR A 308 -7.79 -2.45 -3.40
CA THR A 308 -8.14 -2.57 -1.98
C THR A 308 -8.99 -3.82 -1.76
N PHE A 309 -9.92 -4.08 -2.68
CA PHE A 309 -10.66 -5.34 -2.60
C PHE A 309 -9.66 -6.50 -2.54
N LEU A 310 -8.94 -6.63 -3.65
CA LEU A 310 -7.90 -7.63 -3.85
C LEU A 310 -7.04 -7.83 -2.61
N ALA A 311 -6.75 -6.76 -1.88
CA ALA A 311 -5.88 -6.89 -0.72
C ALA A 311 -6.64 -7.35 0.53
N LYS A 312 -7.95 -7.14 0.60
CA LYS A 312 -8.65 -7.58 1.82
C LYS A 312 -9.55 -8.78 1.58
N ALA A 313 -9.72 -9.18 0.33
CA ALA A 313 -10.59 -10.31 0.01
C ALA A 313 -9.86 -11.65 0.05
N SER A 314 -10.65 -12.71 0.14
CA SER A 314 -10.19 -14.07 0.32
C SER A 314 -9.96 -14.79 -1.00
N SER A 315 -9.36 -15.97 -0.93
CA SER A 315 -9.07 -16.72 -2.14
C SER A 315 -10.33 -16.92 -3.00
N ALA A 316 -11.39 -17.33 -2.32
CA ALA A 316 -12.70 -17.58 -2.89
C ALA A 316 -13.27 -16.31 -3.52
N GLN A 317 -13.15 -15.22 -2.76
CA GLN A 317 -13.69 -13.96 -3.23
C GLN A 317 -12.98 -13.50 -4.50
N VAL A 318 -11.67 -13.57 -4.44
CA VAL A 318 -10.75 -13.09 -5.45
C VAL A 318 -10.93 -13.78 -6.80
N ALA A 319 -11.09 -15.09 -6.74
CA ALA A 319 -11.30 -16.00 -7.83
C ALA A 319 -12.52 -15.67 -8.68
N GLU A 320 -13.57 -15.21 -8.02
CA GLU A 320 -14.81 -14.84 -8.72
C GLU A 320 -14.62 -13.47 -9.37
N PHE A 321 -14.09 -12.53 -8.59
CA PHE A 321 -13.66 -11.23 -9.10
C PHE A 321 -12.84 -11.42 -10.38
N LYS A 322 -11.86 -12.31 -10.25
CA LYS A 322 -11.00 -12.68 -11.37
C LYS A 322 -11.87 -13.06 -12.57
N ALA A 323 -12.82 -13.95 -12.29
CA ALA A 323 -13.73 -14.46 -13.28
C ALA A 323 -14.41 -13.33 -14.07
N ASN A 324 -14.84 -12.28 -13.37
CA ASN A 324 -15.67 -11.26 -14.02
C ASN A 324 -14.89 -10.05 -14.52
N TYR A 325 -14.17 -9.36 -13.65
CA TYR A 325 -13.47 -8.11 -13.89
C TYR A 325 -12.85 -8.00 -15.28
N GLY A 326 -13.06 -6.83 -15.88
CA GLY A 326 -12.52 -6.48 -17.18
C GLY A 326 -13.26 -7.14 -18.32
N SER A 327 -14.58 -7.03 -18.32
CA SER A 327 -15.36 -7.65 -19.36
C SER A 327 -16.64 -6.89 -19.70
N GLY A 328 -16.70 -6.42 -20.95
CA GLY A 328 -17.95 -5.86 -21.46
C GLY A 328 -18.98 -6.98 -21.37
N ASP A 329 -19.85 -6.87 -20.39
CA ASP A 329 -20.87 -7.86 -20.07
C ASP A 329 -21.45 -7.59 -18.68
N SER A 330 -22.53 -6.83 -18.68
CA SER A 330 -23.28 -6.40 -17.53
C SER A 330 -23.32 -7.41 -16.39
N GLU A 331 -23.71 -8.64 -16.71
CA GLU A 331 -23.86 -9.63 -15.65
C GLU A 331 -22.55 -9.82 -14.89
N LYS A 332 -21.42 -9.86 -15.60
CA LYS A 332 -20.15 -10.06 -14.92
C LYS A 332 -19.72 -8.76 -14.23
N VAL A 333 -20.24 -7.65 -14.75
CA VAL A 333 -19.90 -6.35 -14.18
C VAL A 333 -20.59 -6.15 -12.83
N ALA A 334 -21.81 -6.66 -12.74
CA ALA A 334 -22.61 -6.50 -11.52
C ALA A 334 -22.02 -7.29 -10.35
N THR A 335 -21.33 -8.38 -10.66
CA THR A 335 -20.68 -9.19 -9.64
C THR A 335 -19.59 -8.38 -8.93
N VAL A 336 -18.59 -7.99 -9.71
CA VAL A 336 -17.53 -7.07 -9.33
C VAL A 336 -18.05 -5.99 -8.40
N ARG A 337 -19.08 -5.31 -8.89
CA ARG A 337 -19.76 -4.31 -8.09
C ARG A 337 -20.28 -4.92 -6.79
N ARG A 338 -20.87 -6.11 -6.90
CA ARG A 338 -21.46 -6.78 -5.76
C ARG A 338 -20.42 -7.18 -4.72
N LEU A 339 -19.35 -7.85 -5.13
CA LEU A 339 -18.39 -8.25 -4.10
C LEU A 339 -17.46 -7.10 -3.71
N TYR A 340 -17.78 -5.89 -4.12
CA TYR A 340 -17.10 -4.66 -3.74
C TYR A 340 -17.68 -4.10 -2.45
N GLU A 341 -19.00 -3.96 -2.47
CA GLU A 341 -19.77 -3.32 -1.42
C GLU A 341 -20.19 -4.32 -0.34
N GLU A 342 -20.43 -5.55 -0.76
CA GLU A 342 -20.66 -6.63 0.19
C GLU A 342 -19.32 -6.96 0.86
N ALA A 343 -18.27 -6.56 0.16
CA ALA A 343 -16.93 -6.57 0.72
C ALA A 343 -16.67 -5.27 1.49
N ASP A 344 -17.72 -4.55 1.84
CA ASP A 344 -17.67 -3.33 2.62
C ASP A 344 -16.55 -2.40 2.17
N LEU A 345 -16.56 -1.98 0.90
CA LEU A 345 -15.45 -1.18 0.38
C LEU A 345 -15.64 0.31 0.65
N GLN A 346 -16.86 0.68 1.02
CA GLN A 346 -17.20 2.08 1.29
C GLN A 346 -16.81 2.46 2.70
N GLY A 347 -16.63 1.44 3.55
CA GLY A 347 -16.13 1.67 4.89
C GLY A 347 -14.64 2.00 4.84
N ASP A 348 -13.88 1.27 4.04
CA ASP A 348 -12.47 1.57 3.86
C ASP A 348 -12.31 2.97 3.30
N TYR A 349 -13.15 3.34 2.33
CA TYR A 349 -12.99 4.65 1.71
C TYR A 349 -13.10 5.77 2.76
N VAL A 350 -14.22 5.75 3.47
CA VAL A 350 -14.49 6.71 4.52
C VAL A 350 -13.28 6.81 5.46
N ALA A 351 -12.79 5.63 5.80
CA ALA A 351 -11.66 5.44 6.68
C ALA A 351 -10.39 5.85 5.97
N TYR A 352 -10.48 5.91 4.63
CA TYR A 352 -9.35 6.42 3.88
C TYR A 352 -9.36 7.95 3.95
N GLU A 353 -10.52 8.49 3.60
CA GLU A 353 -10.79 9.92 3.71
C GLU A 353 -10.28 10.53 5.01
N ALA A 354 -10.75 10.04 6.16
CA ALA A 354 -10.36 10.58 7.46
C ALA A 354 -8.85 10.66 7.62
N ALA A 355 -8.11 9.59 7.34
CA ALA A 355 -6.65 9.65 7.49
C ALA A 355 -6.05 10.77 6.64
N VAL A 356 -6.40 10.81 5.35
CA VAL A 356 -5.92 11.90 4.51
C VAL A 356 -6.32 13.23 5.14
N ALA A 357 -7.60 13.41 5.38
CA ALA A 357 -8.11 14.65 5.97
C ALA A 357 -7.34 15.01 7.25
N GLU A 358 -7.00 13.99 8.04
CA GLU A 358 -6.24 14.20 9.26
C GLU A 358 -4.86 14.77 8.94
N GLN A 359 -4.08 13.94 8.27
CA GLN A 359 -2.73 14.20 7.81
C GLN A 359 -2.63 15.45 6.95
N VAL A 360 -3.57 15.59 6.01
CA VAL A 360 -3.62 16.81 5.19
C VAL A 360 -3.93 18.02 6.07
N LYS A 361 -4.58 17.76 7.20
CA LYS A 361 -4.98 18.83 8.11
C LYS A 361 -3.83 19.28 9.00
N GLU A 362 -2.77 18.48 9.07
CA GLU A 362 -1.61 18.83 9.89
C GLU A 362 -0.58 19.63 9.10
N LEU A 363 -0.40 19.26 7.85
CA LEU A 363 0.58 19.83 6.93
C LEU A 363 0.27 21.27 6.53
N ILE A 364 -1.02 21.57 6.45
CA ILE A 364 -1.51 22.91 6.15
C ILE A 364 -1.03 23.90 7.21
N GLU A 365 -1.14 23.52 8.48
CA GLU A 365 -0.72 24.40 9.56
C GLU A 365 0.80 24.42 9.68
N LYS A 366 1.40 23.36 9.15
CA LYS A 366 2.86 23.26 9.02
C LYS A 366 3.31 24.22 7.93
N LEU A 367 2.45 24.32 6.91
CA LEU A 367 2.68 25.29 5.84
C LEU A 367 2.31 26.69 6.32
N ARG A 368 1.21 26.75 7.05
CA ARG A 368 0.64 27.98 7.56
C ARG A 368 1.60 28.79 8.42
N LEU A 369 2.59 28.11 9.00
CA LEU A 369 3.58 28.69 9.87
C LEU A 369 4.33 29.85 9.21
N CYS A 370 5.39 29.50 8.48
CA CYS A 370 6.24 30.43 7.78
C CYS A 370 5.63 30.92 6.48
N SER A 371 4.31 30.84 6.34
CA SER A 371 3.67 31.31 5.11
C SER A 371 2.16 31.05 5.15
N PRO A 372 1.45 31.86 5.92
CA PRO A 372 0.01 31.69 6.07
C PRO A 372 -0.71 31.78 4.72
N GLY A 373 -0.50 32.90 4.05
CA GLY A 373 -1.06 33.27 2.76
C GLY A 373 -1.27 32.07 1.86
N PHE A 374 -0.17 31.44 1.46
CA PHE A 374 -0.24 30.20 0.69
C PHE A 374 -1.18 29.19 1.38
N ALA A 375 -0.99 28.99 2.68
CA ALA A 375 -1.73 28.00 3.43
C ALA A 375 -3.24 28.14 3.33
N ALA A 376 -3.72 29.38 3.29
CA ALA A 376 -5.17 29.51 3.13
C ALA A 376 -5.56 29.18 1.70
N SER A 377 -4.77 29.66 0.75
CA SER A 377 -5.06 29.29 -0.64
C SER A 377 -5.03 27.77 -0.78
N VAL A 378 -4.02 27.12 -0.18
CA VAL A 378 -3.99 25.66 -0.20
C VAL A 378 -5.21 25.06 0.49
N GLU A 379 -5.70 25.74 1.52
CA GLU A 379 -6.84 25.29 2.31
C GLU A 379 -8.15 25.36 1.54
N THR A 380 -8.26 26.29 0.59
CA THR A 380 -9.42 26.33 -0.28
C THR A 380 -9.37 25.23 -1.32
N LEU A 381 -8.18 24.80 -1.72
CA LEU A 381 -8.05 23.69 -2.65
C LEU A 381 -8.40 22.40 -1.92
N TRP A 382 -7.93 22.33 -0.66
CA TRP A 382 -8.41 21.23 0.17
C TRP A 382 -9.93 21.33 0.23
N GLY A 383 -10.35 22.53 0.62
CA GLY A 383 -11.74 22.89 0.74
C GLY A 383 -12.58 22.39 -0.42
N LYS A 384 -12.03 22.46 -1.64
CA LYS A 384 -12.84 22.00 -2.76
C LYS A 384 -12.47 20.58 -3.16
N THR A 385 -11.76 19.88 -2.27
CA THR A 385 -11.41 18.49 -2.56
C THR A 385 -12.17 17.54 -1.64
N TYR A 386 -12.03 17.68 -0.34
CA TYR A 386 -12.70 16.86 0.67
C TYR A 386 -14.17 16.59 0.35
N LYS A 387 -14.91 17.66 0.09
CA LYS A 387 -16.34 17.55 -0.24
C LYS A 387 -16.54 17.44 -1.75
N ARG A 388 -16.08 16.34 -2.33
CA ARG A 388 -16.24 16.15 -3.77
C ARG A 388 -17.49 15.30 -4.04
N GLN A 389 -18.54 16.00 -4.47
CA GLN A 389 -19.86 15.44 -4.74
C GLN A 389 -20.22 15.53 -6.22
N LYS A 390 -19.37 16.20 -7.00
CA LYS A 390 -19.59 16.40 -8.42
C LYS A 390 -19.91 15.10 -9.13
N MET B 24 -15.01 -9.53 5.63
CA MET B 24 -15.83 -10.60 6.18
C MET B 24 -15.03 -11.56 7.05
N PRO B 25 -13.95 -12.16 6.56
CA PRO B 25 -13.20 -13.12 7.38
C PRO B 25 -12.76 -12.53 8.71
N MET B 26 -12.27 -11.29 8.70
CA MET B 26 -11.87 -10.67 9.97
C MET B 26 -13.12 -10.46 10.82
N GLN B 27 -14.25 -10.36 10.14
CA GLN B 27 -15.51 -10.18 10.86
C GLN B 27 -15.83 -11.43 11.67
N MET B 28 -15.81 -12.55 10.98
CA MET B 28 -15.99 -13.89 11.53
C MET B 28 -14.94 -14.16 12.61
N PHE B 29 -13.70 -14.15 12.17
CA PHE B 29 -12.51 -14.28 12.99
C PHE B 29 -12.65 -13.57 14.33
N MET B 30 -12.91 -12.27 14.28
CA MET B 30 -13.09 -11.50 15.50
C MET B 30 -14.30 -11.97 16.30
N GLN B 31 -15.34 -12.46 15.63
CA GLN B 31 -16.50 -12.93 16.38
C GLN B 31 -16.13 -14.08 17.32
N VAL B 32 -15.31 -14.98 16.81
CA VAL B 32 -14.87 -16.14 17.54
C VAL B 32 -13.81 -15.73 18.57
N TYR B 33 -13.08 -14.64 18.32
CA TYR B 33 -12.17 -14.17 19.35
C TYR B 33 -12.96 -13.94 20.64
N ASP B 34 -13.96 -13.08 20.48
CA ASP B 34 -14.84 -12.71 21.58
C ASP B 34 -15.41 -13.97 22.22
N GLU B 35 -15.75 -14.95 21.39
CA GLU B 35 -16.28 -16.21 21.91
C GLU B 35 -15.23 -16.92 22.76
N ILE B 36 -14.00 -16.97 22.27
CA ILE B 36 -12.93 -17.66 22.97
C ILE B 36 -12.63 -17.01 24.32
N GLN B 37 -12.43 -15.70 24.30
CA GLN B 37 -12.13 -14.85 25.43
C GLN B 37 -13.14 -15.02 26.57
N MET B 38 -14.41 -15.13 26.18
CA MET B 38 -15.54 -15.34 27.07
C MET B 38 -15.50 -16.70 27.74
N PHE B 39 -15.09 -17.72 26.98
CA PHE B 39 -15.05 -19.07 27.54
C PHE B 39 -13.95 -19.16 28.59
N LEU B 40 -12.75 -18.79 28.17
CA LEU B 40 -11.58 -18.78 29.04
C LEU B 40 -11.84 -17.99 30.32
N LEU B 41 -12.11 -16.70 30.18
CA LEU B 41 -12.39 -15.80 31.28
C LEU B 41 -13.47 -16.34 32.20
N GLU B 42 -14.54 -16.88 31.59
CA GLU B 42 -15.63 -17.42 32.41
C GLU B 42 -15.22 -18.74 33.03
N GLU B 43 -14.47 -19.56 32.28
CA GLU B 43 -13.99 -20.79 32.89
C GLU B 43 -13.17 -20.51 34.14
N LEU B 44 -12.30 -19.52 34.02
CA LEU B 44 -11.40 -19.15 35.11
C LEU B 44 -12.16 -18.71 36.34
N GLU B 45 -13.31 -18.06 36.13
CA GLU B 45 -14.04 -17.56 37.30
C GLU B 45 -14.98 -18.62 37.86
N LEU B 46 -15.54 -19.47 37.01
CA LEU B 46 -16.48 -20.47 37.54
C LEU B 46 -15.77 -21.70 38.08
N LYS B 47 -14.65 -22.09 37.47
CA LYS B 47 -13.94 -23.29 37.88
C LYS B 47 -12.55 -23.05 38.44
N PHE B 48 -12.06 -21.81 38.56
CA PHE B 48 -10.71 -21.60 39.05
C PHE B 48 -10.67 -20.67 40.26
N ASP B 49 -11.82 -20.14 40.67
CA ASP B 49 -11.93 -19.37 41.90
C ASP B 49 -11.35 -17.97 41.78
N MET B 50 -11.37 -17.42 40.57
CA MET B 50 -10.74 -16.15 40.24
C MET B 50 -11.63 -14.95 40.52
N ASP B 51 -11.06 -13.93 41.14
CA ASP B 51 -11.81 -12.70 41.41
C ASP B 51 -11.99 -11.93 40.12
N PRO B 52 -12.89 -10.96 40.07
CA PRO B 52 -13.09 -10.17 38.85
C PRO B 52 -11.89 -9.33 38.46
N ASN B 53 -11.07 -9.00 39.45
CA ASN B 53 -9.90 -8.16 39.28
C ASN B 53 -8.90 -8.84 38.34
N ARG B 54 -8.38 -9.97 38.82
CA ARG B 54 -7.48 -10.80 38.02
C ARG B 54 -8.10 -11.10 36.67
N VAL B 55 -9.40 -11.39 36.63
CA VAL B 55 -10.02 -11.63 35.31
C VAL B 55 -9.81 -10.42 34.41
N ARG B 56 -9.99 -9.25 35.01
CA ARG B 56 -9.73 -7.98 34.33
C ARG B 56 -8.30 -7.99 33.77
N TYR B 57 -7.35 -8.25 34.66
CA TYR B 57 -5.95 -8.35 34.28
C TYR B 57 -5.80 -9.29 33.08
N LEU B 58 -6.14 -10.55 33.31
CA LEU B 58 -6.04 -11.54 32.24
C LEU B 58 -6.80 -11.10 31.00
N ARG B 59 -7.98 -10.51 31.16
CA ARG B 59 -8.69 -10.05 29.95
C ARG B 59 -7.89 -9.00 29.19
N LYS B 60 -7.22 -8.12 29.93
CA LYS B 60 -6.46 -7.06 29.26
C LYS B 60 -5.15 -7.61 28.72
N MET B 61 -4.53 -8.52 29.45
CA MET B 61 -3.30 -9.17 28.99
C MET B 61 -3.50 -9.79 27.60
N MET B 62 -4.52 -10.64 27.51
CA MET B 62 -4.92 -11.34 26.29
C MET B 62 -5.10 -10.38 25.12
N ASP B 63 -5.95 -9.37 25.30
CA ASP B 63 -6.24 -8.38 24.27
C ASP B 63 -4.96 -7.73 23.78
N THR B 64 -4.19 -7.23 24.72
CA THR B 64 -2.95 -6.51 24.48
C THR B 64 -1.95 -7.33 23.66
N THR B 65 -1.74 -8.57 24.08
CA THR B 65 -0.77 -9.42 23.40
C THR B 65 -1.36 -10.13 22.19
N CYS B 66 -2.68 -10.32 22.16
CA CYS B 66 -3.24 -11.11 21.07
C CYS B 66 -3.82 -10.24 19.96
N LEU B 67 -4.11 -8.98 20.24
CA LEU B 67 -4.67 -8.12 19.20
C LEU B 67 -3.71 -7.00 18.84
N GLY B 68 -3.96 -6.44 17.65
CA GLY B 68 -3.22 -5.32 17.12
C GLY B 68 -2.23 -5.76 16.05
N GLY B 69 -2.40 -6.99 15.57
CA GLY B 69 -1.53 -7.54 14.55
C GLY B 69 -2.19 -7.67 13.19
N LYS B 70 -1.60 -8.51 12.34
CA LYS B 70 -2.10 -8.77 11.00
C LYS B 70 -3.13 -9.90 10.97
N TYR B 71 -3.02 -10.86 11.88
CA TYR B 71 -3.86 -12.04 11.86
C TYR B 71 -3.56 -12.82 10.58
N ASN B 72 -2.33 -12.65 10.10
CA ASN B 72 -1.82 -13.32 8.91
C ASN B 72 -1.91 -14.83 9.07
N ARG B 73 -1.44 -15.33 10.22
CA ARG B 73 -1.49 -16.77 10.45
C ARG B 73 -2.93 -17.23 10.67
N GLY B 74 -3.66 -16.49 11.49
CA GLY B 74 -5.03 -16.83 11.82
C GLY B 74 -5.90 -16.89 10.57
N LEU B 75 -5.88 -15.80 9.83
CA LEU B 75 -6.62 -15.59 8.59
C LEU B 75 -6.32 -16.61 7.51
N THR B 76 -5.09 -17.11 7.47
CA THR B 76 -4.64 -18.14 6.55
C THR B 76 -5.41 -19.45 6.73
N VAL B 77 -5.46 -19.92 7.97
CA VAL B 77 -6.16 -21.15 8.32
C VAL B 77 -7.59 -21.10 7.81
N ILE B 78 -8.18 -19.91 7.98
CA ILE B 78 -9.56 -19.73 7.55
C ILE B 78 -9.64 -19.77 6.03
N ASP B 79 -8.80 -18.95 5.39
CA ASP B 79 -8.83 -18.93 3.93
C ASP B 79 -8.56 -20.31 3.36
N VAL B 80 -7.62 -21.04 3.96
CA VAL B 80 -7.30 -22.36 3.46
C VAL B 80 -8.53 -23.28 3.58
N ALA B 81 -9.13 -23.25 4.76
CA ALA B 81 -10.30 -24.03 5.13
C ALA B 81 -11.44 -23.84 4.14
N GLU B 82 -11.90 -22.60 4.05
CA GLU B 82 -12.96 -22.13 3.20
C GLU B 82 -12.65 -22.30 1.71
N SER B 83 -11.39 -22.56 1.42
CA SER B 83 -10.92 -22.79 0.07
C SER B 83 -10.93 -24.28 -0.28
N LEU B 84 -10.69 -25.13 0.72
CA LEU B 84 -10.78 -26.57 0.47
C LEU B 84 -12.24 -27.03 0.56
N LEU B 85 -13.05 -26.17 1.15
CA LEU B 85 -14.45 -26.47 1.39
C LEU B 85 -15.14 -26.98 0.13
N SER B 86 -15.10 -26.15 -0.91
CA SER B 86 -15.75 -26.44 -2.18
C SER B 86 -15.51 -27.86 -2.65
N LEU B 87 -14.26 -28.27 -2.80
CA LEU B 87 -13.95 -29.59 -3.34
C LEU B 87 -14.11 -30.70 -2.30
N SER B 88 -14.90 -31.69 -2.68
CA SER B 88 -15.26 -32.85 -1.86
C SER B 88 -15.52 -32.42 -0.42
N PRO B 89 -16.55 -31.60 -0.26
CA PRO B 89 -16.86 -30.99 1.04
C PRO B 89 -17.12 -32.08 2.09
N ASN B 90 -16.04 -32.61 2.63
CA ASN B 90 -16.01 -33.71 3.58
C ASN B 90 -16.55 -35.00 2.94
N ASN B 91 -17.78 -34.96 2.46
CA ASN B 91 -18.47 -35.96 1.67
C ASN B 91 -19.19 -36.99 2.53
N ASN B 92 -20.48 -36.77 2.78
CA ASN B 92 -21.25 -37.71 3.59
C ASN B 92 -22.32 -38.44 2.77
N GLY B 93 -23.50 -37.85 2.74
CA GLY B 93 -24.64 -38.35 1.99
C GLY B 93 -25.56 -37.23 1.52
N GLU B 94 -25.23 -36.01 1.93
CA GLU B 94 -26.04 -34.83 1.65
C GLU B 94 -25.53 -34.07 0.42
N GLU B 95 -26.48 -33.48 -0.29
CA GLU B 95 -26.32 -32.71 -1.50
C GLU B 95 -25.84 -31.28 -1.21
N ASP B 96 -24.70 -31.20 -0.55
CA ASP B 96 -24.13 -29.94 -0.10
C ASP B 96 -24.97 -29.38 1.05
N ASP B 97 -24.31 -29.23 2.20
CA ASP B 97 -24.96 -28.68 3.39
C ASP B 97 -24.05 -27.63 4.03
N GLY B 98 -24.60 -26.43 4.21
CA GLY B 98 -23.91 -25.28 4.76
C GLY B 98 -23.70 -25.33 6.25
N ALA B 99 -23.87 -26.53 6.81
CA ALA B 99 -23.62 -26.78 8.22
C ALA B 99 -22.15 -27.19 8.38
N ARG B 100 -21.60 -27.74 7.29
CA ARG B 100 -20.18 -28.06 7.25
C ARG B 100 -19.42 -26.78 6.94
N ARG B 101 -19.98 -26.03 5.99
CA ARG B 101 -19.38 -24.74 5.65
C ARG B 101 -19.27 -23.91 6.92
N LYS B 102 -20.26 -24.03 7.79
CA LYS B 102 -20.24 -23.23 9.01
C LYS B 102 -19.41 -23.93 10.09
N ARG B 103 -19.51 -25.25 10.21
CA ARG B 103 -18.68 -25.92 11.21
C ARG B 103 -17.20 -25.90 10.85
N VAL B 104 -16.86 -25.81 9.57
CA VAL B 104 -15.43 -25.77 9.25
C VAL B 104 -14.86 -24.38 9.52
N LEU B 105 -15.61 -23.31 9.29
CA LEU B 105 -14.95 -22.02 9.49
C LEU B 105 -14.99 -21.56 10.93
N HIS B 106 -15.74 -22.26 11.80
CA HIS B 106 -15.64 -21.94 13.23
C HIS B 106 -14.37 -22.58 13.77
N ASP B 107 -14.22 -23.85 13.44
CA ASP B 107 -13.02 -24.63 13.69
C ASP B 107 -11.80 -23.88 13.16
N ALA B 108 -11.83 -23.58 11.86
CA ALA B 108 -10.82 -22.79 11.19
C ALA B 108 -10.48 -21.56 12.00
N CYS B 109 -11.52 -20.89 12.50
CA CYS B 109 -11.29 -19.71 13.33
C CYS B 109 -10.60 -20.11 14.62
N VAL B 110 -11.06 -21.19 15.26
CA VAL B 110 -10.43 -21.52 16.55
C VAL B 110 -8.95 -21.81 16.35
N CYS B 111 -8.66 -22.70 15.40
CA CYS B 111 -7.29 -23.00 15.06
C CYS B 111 -6.50 -21.74 14.76
N GLY B 112 -7.13 -20.81 14.03
CA GLY B 112 -6.50 -19.53 13.75
C GLY B 112 -6.06 -18.88 15.06
N TRP B 113 -6.97 -18.88 16.04
CA TRP B 113 -6.65 -18.22 17.31
C TRP B 113 -5.65 -19.04 18.11
N MET B 114 -5.70 -20.36 17.96
CA MET B 114 -4.67 -21.17 18.61
C MET B 114 -3.30 -20.71 18.13
N ILE B 115 -3.22 -20.44 16.82
CA ILE B 115 -1.94 -19.95 16.31
C ILE B 115 -1.60 -18.59 16.90
N GLU B 116 -2.57 -17.68 16.91
CA GLU B 116 -2.36 -16.31 17.39
C GLU B 116 -2.00 -16.27 18.86
N PHE B 117 -2.67 -17.05 19.72
CA PHE B 117 -2.24 -17.05 21.11
C PHE B 117 -0.83 -17.63 21.22
N LEU B 118 -0.50 -18.61 20.38
CA LEU B 118 0.83 -19.21 20.39
C LEU B 118 1.90 -18.17 20.08
N GLN B 119 1.72 -17.43 18.99
CA GLN B 119 2.74 -16.41 18.72
C GLN B 119 2.76 -15.37 19.84
N ALA B 120 1.58 -15.07 20.36
CA ALA B 120 1.42 -14.14 21.46
C ALA B 120 2.36 -14.51 22.61
N HIS B 121 2.27 -15.74 23.05
CA HIS B 121 3.17 -16.35 24.04
C HIS B 121 4.63 -16.12 23.70
N TYR B 122 5.04 -16.47 22.47
CA TYR B 122 6.44 -16.34 22.07
C TYR B 122 6.91 -14.89 22.03
N LEU B 123 6.05 -14.00 21.53
CA LEU B 123 6.47 -12.59 21.49
C LEU B 123 6.59 -12.03 22.91
N VAL B 124 5.68 -12.43 23.78
CA VAL B 124 5.81 -12.01 25.17
C VAL B 124 7.14 -12.47 25.73
N GLU B 125 7.45 -13.76 25.59
CA GLU B 125 8.72 -14.32 26.02
C GLU B 125 9.91 -13.80 25.21
N ASP B 126 9.70 -13.50 23.94
CA ASP B 126 10.78 -13.00 23.10
C ASP B 126 11.25 -11.62 23.55
N ASP B 127 10.33 -10.70 23.80
CA ASP B 127 10.70 -9.31 24.07
C ASP B 127 11.56 -9.23 25.32
N ILE B 128 11.12 -9.99 26.31
CA ILE B 128 11.90 -10.16 27.53
C ILE B 128 13.31 -10.60 27.14
N MET B 129 13.42 -11.69 26.40
CA MET B 129 14.62 -12.31 25.91
C MET B 129 15.51 -11.41 25.06
N ASP B 130 14.92 -10.77 24.05
CA ASP B 130 15.58 -9.82 23.18
C ASP B 130 15.64 -8.44 23.83
N ASN B 131 15.02 -8.34 25.00
CA ASN B 131 14.97 -7.16 25.85
C ASN B 131 14.35 -5.97 25.13
N SER B 132 13.54 -6.25 24.12
CA SER B 132 12.88 -5.22 23.34
C SER B 132 12.16 -4.25 24.27
N VAL B 133 11.94 -3.02 23.79
CA VAL B 133 11.26 -2.04 24.63
C VAL B 133 9.90 -1.70 24.07
N THR B 134 9.65 -2.08 22.83
CA THR B 134 8.34 -1.72 22.24
C THR B 134 7.93 -2.77 21.22
N ARG B 135 6.65 -2.75 20.83
CA ARG B 135 6.20 -3.61 19.74
C ARG B 135 4.76 -3.25 19.40
N ARG B 136 4.49 -3.07 18.11
CA ARG B 136 3.20 -2.64 17.60
C ARG B 136 2.94 -1.17 17.93
N GLY B 137 4.02 -0.42 18.12
CA GLY B 137 3.90 0.97 18.53
C GLY B 137 3.66 1.08 20.03
N LYS B 138 3.34 -0.03 20.67
CA LYS B 138 3.12 -0.04 22.11
C LYS B 138 4.24 -0.80 22.82
N PRO B 139 4.42 -0.52 24.12
CA PRO B 139 5.44 -1.23 24.89
C PRO B 139 5.17 -2.73 24.96
N CYS B 140 6.24 -3.50 24.91
CA CYS B 140 6.18 -4.94 25.14
C CYS B 140 5.37 -5.19 26.41
N TRP B 141 4.68 -6.32 26.48
CA TRP B 141 3.81 -6.65 27.59
C TRP B 141 4.49 -6.41 28.95
N TYR B 142 5.67 -6.99 29.10
CA TYR B 142 6.53 -6.96 30.26
C TYR B 142 7.09 -5.56 30.55
N ARG B 143 6.75 -4.59 29.71
CA ARG B 143 7.18 -3.22 29.97
C ARG B 143 5.97 -2.36 30.33
N HIS B 144 4.80 -2.99 30.49
CA HIS B 144 3.67 -2.16 30.93
C HIS B 144 3.92 -1.74 32.37
N PRO B 145 3.64 -0.49 32.70
CA PRO B 145 3.89 0.06 34.04
C PRO B 145 3.44 -0.85 35.16
N ASP B 146 2.29 -1.52 35.00
CA ASP B 146 1.76 -2.39 36.04
C ASP B 146 2.01 -3.88 35.77
N VAL B 147 3.15 -4.25 35.21
CA VAL B 147 3.42 -5.66 34.95
C VAL B 147 4.86 -6.00 35.34
N THR B 148 5.08 -6.89 36.30
CA THR B 148 6.44 -7.33 36.62
C THR B 148 6.97 -8.16 35.46
N VAL B 149 8.28 -8.46 35.45
CA VAL B 149 8.70 -9.41 34.43
C VAL B 149 8.37 -10.82 34.88
N GLN B 150 8.40 -11.05 36.19
CA GLN B 150 8.04 -12.36 36.76
C GLN B 150 6.63 -12.76 36.35
N CYS B 151 5.70 -11.84 36.52
CA CYS B 151 4.33 -12.04 36.08
C CYS B 151 4.27 -12.16 34.56
N ALA B 152 4.98 -11.27 33.87
CA ALA B 152 5.03 -11.38 32.40
C ALA B 152 5.51 -12.74 31.94
N ILE B 153 6.50 -13.32 32.59
CA ILE B 153 6.95 -14.65 32.13
C ILE B 153 5.80 -15.65 32.24
N ASN B 154 4.99 -15.52 33.28
CA ASN B 154 3.89 -16.47 33.46
C ASN B 154 2.69 -16.08 32.63
N ASP B 155 2.57 -14.79 32.33
CA ASP B 155 1.49 -14.39 31.41
C ASP B 155 1.69 -15.13 30.09
N GLY B 156 2.96 -15.24 29.70
CA GLY B 156 3.40 -16.00 28.56
C GLY B 156 2.92 -17.45 28.63
N LEU B 157 3.28 -18.15 29.69
CA LEU B 157 2.85 -19.54 29.86
C LEU B 157 1.34 -19.64 29.72
N LEU B 158 0.61 -18.84 30.49
CA LEU B 158 -0.82 -18.66 30.38
C LEU B 158 -1.29 -18.57 28.94
N LEU B 159 -0.63 -17.79 28.09
CA LEU B 159 -1.08 -17.70 26.71
C LEU B 159 -0.97 -19.03 25.97
N LYS B 160 0.06 -19.81 26.27
CA LYS B 160 0.21 -21.09 25.58
C LYS B 160 -0.87 -22.06 26.07
N SER B 161 -1.11 -22.06 27.37
CA SER B 161 -2.14 -22.91 27.97
C SER B 161 -3.52 -22.57 27.45
N TRP B 162 -3.77 -21.29 27.21
CA TRP B 162 -5.05 -20.88 26.63
C TRP B 162 -5.32 -21.66 25.35
N THR B 163 -4.31 -21.78 24.49
CA THR B 163 -4.50 -22.49 23.23
C THR B 163 -4.99 -23.92 23.45
N HIS B 164 -4.54 -24.56 24.52
CA HIS B 164 -4.98 -25.92 24.82
C HIS B 164 -6.39 -25.95 25.38
N MET B 165 -6.69 -25.02 26.29
CA MET B 165 -8.04 -25.04 26.87
C MET B 165 -9.06 -24.84 25.75
N MET B 166 -8.75 -23.94 24.82
CA MET B 166 -9.63 -23.64 23.71
C MET B 166 -9.67 -24.78 22.69
N ALA B 167 -8.54 -25.40 22.36
CA ALA B 167 -8.64 -26.53 21.43
C ALA B 167 -9.52 -27.62 22.04
N MET B 168 -9.20 -27.99 23.28
CA MET B 168 -9.97 -29.03 23.95
C MET B 168 -11.43 -28.60 24.15
N HIS B 169 -11.64 -27.34 24.52
CA HIS B 169 -13.03 -26.96 24.72
C HIS B 169 -13.83 -27.08 23.43
N PHE B 170 -13.24 -26.67 22.29
CA PHE B 170 -14.03 -26.70 21.06
C PHE B 170 -13.77 -27.92 20.18
N PHE B 171 -12.78 -28.75 20.49
CA PHE B 171 -12.45 -29.82 19.54
C PHE B 171 -12.53 -31.21 20.16
N ALA B 172 -12.99 -31.32 21.40
CA ALA B 172 -13.03 -32.62 22.07
C ALA B 172 -13.90 -33.62 21.33
N ASP B 173 -14.91 -33.14 20.60
CA ASP B 173 -15.76 -33.98 19.75
C ASP B 173 -15.24 -34.04 18.33
N ARG B 174 -14.07 -33.46 18.05
CA ARG B 174 -13.57 -33.59 16.67
C ARG B 174 -12.66 -34.81 16.60
N PRO B 175 -12.87 -35.61 15.56
CA PRO B 175 -12.04 -36.80 15.38
C PRO B 175 -10.61 -36.41 15.00
N PHE B 176 -10.37 -35.13 14.70
CA PHE B 176 -9.01 -34.76 14.32
C PHE B 176 -8.20 -34.23 15.50
N LEU B 177 -8.83 -34.12 16.66
CA LEU B 177 -8.21 -33.52 17.83
C LEU B 177 -6.82 -34.07 18.11
N GLN B 178 -6.68 -35.39 18.14
CA GLN B 178 -5.38 -35.99 18.34
C GLN B 178 -4.36 -35.48 17.33
N ASP B 179 -4.68 -35.51 16.03
CA ASP B 179 -3.74 -35.05 15.01
C ASP B 179 -3.48 -33.56 15.07
N LEU B 180 -4.55 -32.79 15.28
CA LEU B 180 -4.48 -31.34 15.38
C LEU B 180 -3.41 -30.90 16.36
N LEU B 181 -3.52 -31.37 17.60
CA LEU B 181 -2.69 -31.03 18.75
C LEU B 181 -1.31 -31.65 18.69
N CYS B 182 -1.17 -32.82 18.05
CA CYS B 182 0.15 -33.38 17.84
C CYS B 182 0.95 -32.52 16.87
N ARG B 183 0.30 -32.07 15.79
CA ARG B 183 1.04 -31.21 14.86
C ARG B 183 1.27 -29.84 15.45
N PHE B 184 0.35 -29.37 16.28
CA PHE B 184 0.47 -28.08 16.94
C PHE B 184 1.65 -28.06 17.89
N ASN B 185 1.75 -29.12 18.70
CA ASN B 185 2.80 -29.12 19.72
C ASN B 185 4.15 -29.38 19.07
N ARG B 186 4.20 -30.14 17.98
CA ARG B 186 5.49 -30.31 17.32
C ARG B 186 5.99 -28.95 16.86
N VAL B 187 5.15 -28.21 16.14
CA VAL B 187 5.53 -26.86 15.73
C VAL B 187 5.83 -25.96 16.94
N ASP B 188 5.05 -26.12 17.99
CA ASP B 188 5.31 -25.43 19.25
C ASP B 188 6.77 -25.66 19.65
N TYR B 189 7.18 -26.92 19.70
CA TYR B 189 8.52 -27.40 20.00
C TYR B 189 9.57 -26.92 19.00
N THR B 190 9.20 -26.92 17.73
CA THR B 190 10.12 -26.53 16.67
C THR B 190 10.53 -25.06 16.81
N THR B 191 9.57 -24.22 17.17
CA THR B 191 9.85 -22.81 17.37
C THR B 191 10.75 -22.60 18.57
N ALA B 192 10.60 -23.46 19.58
CA ALA B 192 11.50 -23.29 20.73
C ALA B 192 12.91 -23.72 20.34
N VAL B 193 13.04 -24.76 19.52
CA VAL B 193 14.38 -25.16 19.10
C VAL B 193 15.03 -23.98 18.37
N GLY B 194 14.23 -23.37 17.49
CA GLY B 194 14.64 -22.22 16.71
C GLY B 194 15.16 -21.08 17.58
N GLN B 195 14.51 -20.87 18.72
CA GLN B 195 14.89 -19.82 19.66
C GLN B 195 16.22 -20.13 20.34
N LEU B 196 16.51 -21.41 20.58
CA LEU B 196 17.82 -21.81 21.07
C LEU B 196 18.90 -21.51 20.03
N TYR B 197 18.64 -21.90 18.79
CA TYR B 197 19.55 -21.55 17.72
C TYR B 197 19.72 -20.03 17.66
N ASP B 198 18.59 -19.32 17.73
CA ASP B 198 18.66 -17.86 17.65
C ASP B 198 19.57 -17.31 18.74
N VAL B 199 19.24 -17.64 19.96
CA VAL B 199 19.86 -17.13 21.18
C VAL B 199 21.27 -17.65 21.39
N THR B 200 21.67 -18.69 20.67
CA THR B 200 23.02 -19.23 20.83
C THR B 200 23.86 -18.96 19.59
N SER B 201 23.54 -17.89 18.88
CA SER B 201 24.23 -17.65 17.61
C SER B 201 25.35 -16.64 17.77
N MET B 202 25.57 -16.16 18.99
CA MET B 202 26.61 -15.18 19.26
C MET B 202 27.82 -15.79 19.96
N PHE B 203 27.67 -16.99 20.53
CA PHE B 203 28.74 -17.67 21.24
C PHE B 203 29.16 -18.96 20.53
N ASP B 204 30.45 -19.07 20.23
CA ASP B 204 31.06 -20.24 19.60
C ASP B 204 30.64 -21.55 20.24
N SER B 205 29.86 -22.32 19.50
CA SER B 205 29.30 -23.59 19.85
C SER B 205 30.19 -24.45 20.73
N ASN B 206 31.46 -24.55 20.34
CA ASN B 206 32.38 -25.42 21.06
C ASN B 206 32.48 -25.03 22.53
N LYS B 207 32.23 -23.74 22.81
CA LYS B 207 32.35 -23.31 24.20
C LYS B 207 31.07 -23.62 25.00
N LEU B 208 29.93 -23.47 24.36
CA LEU B 208 28.59 -23.72 24.85
C LEU B 208 28.50 -24.67 26.04
N ASP B 209 28.68 -24.15 27.24
CA ASP B 209 28.67 -25.03 28.43
C ASP B 209 28.26 -24.29 29.69
N PRO B 210 27.12 -24.64 30.26
CA PRO B 210 26.48 -23.90 31.35
C PRO B 210 27.42 -23.59 32.50
N ASP B 211 28.21 -24.60 32.87
CA ASP B 211 29.13 -24.48 33.99
C ASP B 211 30.31 -23.58 33.65
N VAL B 212 30.41 -23.22 32.37
CA VAL B 212 31.56 -22.49 31.88
C VAL B 212 31.31 -20.98 31.83
N SER B 213 32.17 -20.27 32.54
CA SER B 213 32.17 -18.84 32.71
C SER B 213 31.86 -18.13 31.37
N GLN B 214 31.06 -17.11 31.49
CA GLN B 214 30.47 -16.25 30.49
C GLN B 214 31.33 -15.99 29.27
N PRO B 215 31.29 -16.86 28.27
CA PRO B 215 32.02 -16.57 27.02
C PRO B 215 31.32 -15.48 26.24
N THR B 216 31.90 -14.30 26.06
CA THR B 216 31.15 -13.27 25.33
C THR B 216 31.11 -13.59 23.85
N THR B 217 30.82 -12.60 23.01
CA THR B 217 30.68 -12.80 21.57
C THR B 217 31.93 -12.40 20.80
N THR B 218 33.04 -13.09 21.04
CA THR B 218 34.28 -12.79 20.32
C THR B 218 34.07 -12.91 18.81
N ASP B 219 34.81 -13.82 18.18
CA ASP B 219 34.75 -13.93 16.73
C ASP B 219 33.35 -14.36 16.27
N PHE B 220 33.01 -13.88 15.08
CA PHE B 220 31.71 -14.03 14.45
C PHE B 220 31.61 -15.25 13.56
N ALA B 221 32.48 -16.25 13.73
CA ALA B 221 32.22 -17.47 12.97
C ALA B 221 30.85 -18.00 13.42
N GLU B 222 30.21 -18.85 12.63
CA GLU B 222 28.88 -19.37 12.90
C GLU B 222 27.82 -18.34 12.54
N PHE B 223 28.28 -17.16 12.13
CA PHE B 223 27.44 -16.14 11.54
C PHE B 223 27.40 -16.35 10.02
N THR B 224 27.16 -17.61 9.66
CA THR B 224 27.14 -18.15 8.32
C THR B 224 25.72 -18.20 7.76
N LEU B 225 25.58 -18.02 6.45
CA LEU B 225 24.26 -18.15 5.83
C LEU B 225 23.70 -19.52 6.18
N SER B 226 24.53 -20.56 6.12
CA SER B 226 24.10 -21.90 6.53
C SER B 226 23.48 -21.87 7.92
N ASN B 227 24.23 -21.34 8.87
CA ASN B 227 23.78 -21.24 10.26
C ASN B 227 22.51 -20.39 10.37
N TYR B 228 22.37 -19.40 9.52
CA TYR B 228 21.28 -18.45 9.54
C TYR B 228 19.96 -19.09 9.12
N LYS B 229 20.02 -19.73 7.96
CA LYS B 229 18.89 -20.44 7.40
C LYS B 229 18.20 -21.33 8.43
N ARG B 230 19.00 -22.04 9.22
CA ARG B 230 18.53 -23.00 10.21
C ARG B 230 17.88 -22.31 11.40
N ILE B 231 18.46 -21.18 11.83
CA ILE B 231 17.75 -20.59 13.00
C ILE B 231 16.44 -20.04 12.45
N VAL B 232 16.52 -19.47 11.25
CA VAL B 232 15.34 -18.84 10.64
C VAL B 232 14.23 -19.85 10.39
N LYS B 233 14.56 -20.97 9.77
CA LYS B 233 13.61 -22.04 9.49
C LYS B 233 12.73 -22.39 10.68
N TYR B 234 13.32 -22.95 11.73
CA TYR B 234 12.61 -23.45 12.90
C TYR B 234 11.97 -22.37 13.76
N LYS B 235 12.56 -21.17 13.80
CA LYS B 235 12.02 -20.14 14.67
C LYS B 235 10.95 -19.31 13.98
N THR B 236 10.81 -19.38 12.66
CA THR B 236 9.76 -18.55 12.04
C THR B 236 8.93 -19.29 11.01
N ALA B 237 9.56 -19.98 10.07
CA ALA B 237 8.88 -20.63 8.96
C ALA B 237 7.71 -21.51 9.40
N TYR B 238 7.98 -22.43 10.31
CA TYR B 238 7.01 -23.43 10.71
C TYR B 238 5.77 -22.84 11.37
N TYR B 239 5.90 -22.01 12.41
CA TYR B 239 4.66 -21.55 13.04
C TYR B 239 4.01 -20.43 12.23
N THR B 240 4.77 -19.90 11.28
CA THR B 240 4.27 -18.76 10.51
C THR B 240 3.72 -19.21 9.17
N TYR B 241 4.35 -20.15 8.45
CA TYR B 241 3.80 -20.53 7.14
C TYR B 241 3.29 -21.95 7.08
N LEU B 242 3.96 -22.91 7.69
CA LEU B 242 3.54 -24.30 7.60
C LEU B 242 2.34 -24.60 8.48
N LEU B 243 2.41 -24.16 9.73
CA LEU B 243 1.39 -24.48 10.73
C LEU B 243 0.02 -23.95 10.31
N PRO B 244 -0.16 -22.69 9.96
CA PRO B 244 -1.48 -22.18 9.51
C PRO B 244 -2.05 -22.95 8.31
N LEU B 245 -1.20 -23.23 7.32
CA LEU B 245 -1.71 -24.03 6.21
C LEU B 245 -2.13 -25.41 6.72
N VAL B 246 -1.22 -26.11 7.38
CA VAL B 246 -1.49 -27.46 7.88
C VAL B 246 -2.80 -27.51 8.67
N MET B 247 -3.02 -26.55 9.56
CA MET B 247 -4.21 -26.52 10.40
C MET B 247 -5.48 -26.24 9.60
N GLY B 248 -5.37 -25.52 8.50
CA GLY B 248 -6.49 -25.29 7.59
C GLY B 248 -6.85 -26.58 6.88
N LEU B 249 -5.84 -27.31 6.42
CA LEU B 249 -6.09 -28.65 5.92
C LEU B 249 -6.86 -29.47 6.94
N ILE B 250 -6.29 -29.66 8.11
CA ILE B 250 -6.86 -30.54 9.14
C ILE B 250 -8.32 -30.25 9.44
N VAL B 251 -8.70 -29.01 9.74
CA VAL B 251 -10.12 -28.75 10.04
C VAL B 251 -11.01 -28.92 8.80
N SER B 252 -10.39 -29.06 7.64
CA SER B 252 -11.03 -29.29 6.36
C SER B 252 -11.03 -30.76 5.99
N GLU B 253 -10.26 -31.55 6.73
CA GLU B 253 -10.21 -32.99 6.49
C GLU B 253 -9.69 -33.25 5.08
N ALA B 254 -8.80 -32.35 4.67
CA ALA B 254 -8.23 -32.38 3.34
C ALA B 254 -6.71 -32.44 3.41
N LEU B 255 -6.20 -32.79 4.59
CA LEU B 255 -4.75 -32.93 4.69
C LEU B 255 -4.19 -33.91 3.66
N PRO B 256 -4.70 -35.12 3.49
CA PRO B 256 -4.11 -36.05 2.52
C PRO B 256 -4.23 -35.55 1.08
N THR B 257 -5.12 -34.59 0.90
CA THR B 257 -5.38 -33.97 -0.39
C THR B 257 -4.18 -33.27 -0.98
N VAL B 258 -3.13 -33.05 -0.18
CA VAL B 258 -2.08 -32.18 -0.69
C VAL B 258 -0.66 -32.66 -0.42
N ASP B 259 0.17 -32.44 -1.43
CA ASP B 259 1.60 -32.71 -1.48
C ASP B 259 2.31 -32.00 -0.34
N MET B 260 2.73 -32.75 0.68
CA MET B 260 3.38 -32.07 1.82
C MET B 260 4.74 -31.53 1.41
N GLY B 261 5.42 -32.26 0.53
CA GLY B 261 6.71 -31.90 -0.02
C GLY B 261 6.74 -30.50 -0.60
N VAL B 262 5.90 -30.26 -1.61
CA VAL B 262 5.83 -28.91 -2.17
C VAL B 262 5.45 -27.90 -1.08
N THR B 263 4.32 -28.16 -0.43
CA THR B 263 3.80 -27.35 0.66
C THR B 263 4.90 -26.99 1.66
N GLU B 264 5.60 -28.03 2.11
CA GLU B 264 6.68 -27.86 3.07
C GLU B 264 7.76 -26.96 2.50
N GLU B 265 8.03 -27.11 1.22
CA GLU B 265 9.03 -26.32 0.53
C GLU B 265 8.66 -24.86 0.41
N LEU B 266 7.38 -24.57 0.29
CA LEU B 266 6.96 -23.18 0.14
C LEU B 266 6.97 -22.44 1.47
N ALA B 267 6.48 -23.11 2.51
CA ALA B 267 6.46 -22.59 3.88
C ALA B 267 7.86 -22.19 4.31
N MET B 268 8.80 -23.11 4.09
CA MET B 268 10.19 -22.85 4.45
C MET B 268 10.72 -21.67 3.66
N LEU B 269 10.49 -21.71 2.35
CA LEU B 269 10.87 -20.57 1.49
C LEU B 269 10.22 -19.30 2.02
N MET B 270 8.89 -19.25 1.90
CA MET B 270 8.12 -18.09 2.32
C MET B 270 8.51 -17.63 3.73
N GLY B 271 8.72 -18.59 4.61
CA GLY B 271 9.04 -18.40 6.01
C GLY B 271 10.42 -17.83 6.26
N GLU B 272 11.38 -18.20 5.41
CA GLU B 272 12.73 -17.66 5.47
C GLU B 272 12.82 -16.27 4.85
N TYR B 273 11.99 -16.00 3.86
CA TYR B 273 11.98 -14.70 3.19
C TYR B 273 11.35 -13.65 4.11
N PHE B 274 10.32 -14.09 4.81
CA PHE B 274 9.60 -13.30 5.80
C PHE B 274 10.52 -12.87 6.93
N GLN B 275 11.30 -13.81 7.48
CA GLN B 275 12.22 -13.41 8.57
C GLN B 275 13.24 -12.39 8.04
N VAL B 276 13.94 -12.74 6.97
CA VAL B 276 14.92 -11.87 6.34
C VAL B 276 14.36 -10.46 6.20
N GLN B 277 13.09 -10.38 5.82
CA GLN B 277 12.39 -9.11 5.70
C GLN B 277 12.39 -8.36 7.02
N ASP B 278 11.97 -9.03 8.09
CA ASP B 278 11.92 -8.36 9.41
C ASP B 278 13.36 -8.03 9.79
N ASP B 279 14.28 -8.90 9.39
CA ASP B 279 15.69 -8.60 9.64
C ASP B 279 16.08 -7.33 8.90
N VAL B 280 15.63 -7.16 7.66
CA VAL B 280 16.04 -5.95 6.93
C VAL B 280 15.24 -4.72 7.39
N MET B 281 13.93 -4.87 7.41
CA MET B 281 13.04 -3.84 7.95
C MET B 281 13.53 -3.35 9.32
N ASP B 282 14.06 -4.28 10.10
CA ASP B 282 14.68 -3.99 11.38
C ASP B 282 15.74 -2.91 11.25
N CYS B 283 16.55 -2.98 10.19
CA CYS B 283 17.63 -1.99 10.11
C CYS B 283 17.20 -0.74 9.36
N PHE B 284 16.46 -0.90 8.26
CA PHE B 284 16.21 0.25 7.39
C PHE B 284 14.82 0.84 7.49
N THR B 285 13.88 0.17 8.14
CA THR B 285 12.54 0.78 8.26
C THR B 285 12.49 1.62 9.54
N PRO B 286 11.85 2.78 9.45
CA PRO B 286 11.62 3.62 10.63
C PRO B 286 10.66 2.96 11.62
N PRO B 287 11.02 3.01 12.90
CA PRO B 287 10.19 2.42 13.96
C PRO B 287 8.76 2.92 13.89
N GLU B 288 8.56 4.16 13.46
CA GLU B 288 7.20 4.68 13.30
C GLU B 288 6.39 3.76 12.39
N ARG B 289 7.04 3.21 11.38
CA ARG B 289 6.43 2.26 10.46
C ARG B 289 6.49 0.85 11.06
N LEU B 290 7.68 0.50 11.53
CA LEU B 290 7.96 -0.81 12.09
C LEU B 290 7.14 -1.12 13.34
N GLY B 291 7.22 -0.23 14.31
CA GLY B 291 6.62 -0.37 15.63
C GLY B 291 7.74 -0.43 16.68
N LYS B 292 8.48 -1.53 16.63
CA LYS B 292 9.66 -1.77 17.44
C LYS B 292 10.80 -0.83 17.04
N VAL B 293 11.69 -0.53 17.97
CA VAL B 293 12.87 0.29 17.67
C VAL B 293 14.04 -0.63 17.33
N GLY B 294 14.38 -0.74 16.04
CA GLY B 294 15.36 -1.70 15.59
C GLY B 294 16.66 -1.65 16.39
N THR B 295 17.07 -2.80 16.92
CA THR B 295 18.29 -2.89 17.71
C THR B 295 19.08 -4.16 17.41
N ASP B 296 18.66 -4.94 16.43
CA ASP B 296 19.26 -6.23 16.09
C ASP B 296 20.78 -6.19 16.02
N ILE B 297 21.32 -5.04 15.62
CA ILE B 297 22.71 -4.70 15.67
C ILE B 297 23.29 -4.78 17.09
N GLN B 298 22.79 -3.85 17.89
CA GLN B 298 23.12 -3.64 19.29
C GLN B 298 23.06 -4.94 20.08
N ASP B 299 22.07 -5.76 19.74
CA ASP B 299 21.89 -7.05 20.38
C ASP B 299 22.83 -8.08 19.77
N ALA B 300 23.66 -7.60 18.85
CA ALA B 300 24.57 -8.43 18.08
C ALA B 300 23.81 -9.63 17.51
N LYS B 301 22.70 -9.32 16.84
CA LYS B 301 21.88 -10.38 16.28
C LYS B 301 22.43 -10.90 14.96
N CYS B 302 22.34 -12.20 14.77
CA CYS B 302 22.74 -12.94 13.59
C CYS B 302 21.81 -12.67 12.43
N SER B 303 21.52 -11.40 12.15
CA SER B 303 20.57 -11.11 11.08
C SER B 303 21.17 -11.39 9.71
N TRP B 304 20.29 -11.41 8.71
CA TRP B 304 20.61 -11.67 7.31
C TRP B 304 21.64 -10.67 6.80
N LEU B 305 21.46 -9.40 7.14
CA LEU B 305 22.44 -8.37 6.81
C LEU B 305 23.81 -8.77 7.37
N ALA B 306 23.79 -9.15 8.64
CA ALA B 306 24.97 -9.54 9.38
C ALA B 306 25.72 -10.66 8.67
N VAL B 307 25.09 -11.82 8.54
CA VAL B 307 25.75 -12.90 7.82
C VAL B 307 25.95 -12.56 6.35
N THR B 308 24.99 -11.87 5.71
CA THR B 308 25.16 -11.60 4.29
C THR B 308 26.32 -10.64 4.05
N PHE B 309 26.55 -9.74 5.01
CA PHE B 309 27.64 -8.78 4.93
C PHE B 309 29.03 -9.42 4.97
N LEU B 310 29.31 -10.10 6.08
CA LEU B 310 30.58 -10.72 6.39
C LEU B 310 31.02 -11.71 5.33
N ALA B 311 30.11 -12.18 4.48
CA ALA B 311 30.56 -13.16 3.49
C ALA B 311 31.09 -12.47 2.23
N LYS B 312 30.84 -11.18 2.08
CA LYS B 312 31.24 -10.48 0.86
C LYS B 312 32.07 -9.23 1.14
N ALA B 313 32.04 -8.76 2.37
CA ALA B 313 32.81 -7.65 2.90
C ALA B 313 34.32 -7.90 2.82
N SER B 314 35.08 -6.93 2.33
CA SER B 314 36.53 -7.14 2.29
C SER B 314 37.08 -7.39 3.68
N SER B 315 38.29 -7.90 3.79
CA SER B 315 38.96 -8.05 5.07
C SER B 315 38.87 -6.74 5.86
N ALA B 316 39.10 -5.63 5.15
CA ALA B 316 39.01 -4.33 5.79
C ALA B 316 37.63 -4.16 6.43
N GLN B 317 36.62 -4.20 5.58
CA GLN B 317 35.24 -4.01 6.00
C GLN B 317 34.88 -4.86 7.20
N VAL B 318 35.30 -6.12 7.18
CA VAL B 318 34.91 -7.02 8.26
C VAL B 318 35.47 -6.64 9.61
N ALA B 319 36.54 -5.84 9.60
CA ALA B 319 37.17 -5.49 10.87
C ALA B 319 36.35 -4.42 11.58
N GLU B 320 36.06 -3.38 10.80
CA GLU B 320 35.37 -2.20 11.29
C GLU B 320 33.99 -2.58 11.82
N PHE B 321 33.47 -3.66 11.22
CA PHE B 321 32.20 -4.23 11.66
C PHE B 321 32.33 -4.75 13.08
N LYS B 322 33.33 -5.63 13.23
CA LYS B 322 33.65 -6.30 14.48
C LYS B 322 33.92 -5.31 15.59
N ALA B 323 34.47 -4.14 15.22
CA ALA B 323 34.74 -3.14 16.25
C ALA B 323 33.51 -2.27 16.50
N ASN B 324 32.51 -2.29 15.63
CA ASN B 324 31.34 -1.43 15.81
C ASN B 324 30.06 -2.21 16.14
N TYR B 325 30.00 -3.49 15.80
CA TYR B 325 28.78 -4.26 15.99
C TYR B 325 28.40 -4.43 17.46
N GLY B 326 27.15 -4.82 17.68
CA GLY B 326 26.60 -5.08 18.99
C GLY B 326 26.97 -4.00 20.01
N SER B 327 26.54 -2.78 19.75
CA SER B 327 26.82 -1.63 20.61
C SER B 327 25.74 -0.56 20.49
N GLY B 328 25.42 0.10 21.59
CA GLY B 328 24.41 1.14 21.57
C GLY B 328 24.97 2.49 21.19
N ASP B 329 26.28 2.59 21.03
CA ASP B 329 26.93 3.84 20.68
C ASP B 329 26.29 4.45 19.44
N SER B 330 25.88 5.71 19.55
CA SER B 330 25.20 6.40 18.46
C SER B 330 26.09 6.54 17.24
N GLU B 331 27.40 6.30 17.36
CA GLU B 331 28.27 6.47 16.19
C GLU B 331 28.74 5.13 15.62
N LYS B 332 28.51 4.06 16.38
CA LYS B 332 28.88 2.72 15.95
C LYS B 332 27.85 2.11 15.01
N VAL B 333 26.62 1.97 15.51
CA VAL B 333 25.51 1.45 14.73
C VAL B 333 25.43 2.14 13.37
N ALA B 334 25.37 3.47 13.42
CA ALA B 334 25.39 4.31 12.23
C ALA B 334 26.49 3.90 11.28
N THR B 335 27.64 3.47 11.83
CA THR B 335 28.72 3.00 10.97
C THR B 335 28.37 1.59 10.50
N VAL B 336 27.70 0.86 11.37
CA VAL B 336 27.23 -0.48 11.02
C VAL B 336 26.16 -0.40 9.93
N ARG B 337 25.46 0.72 9.89
CA ARG B 337 24.45 1.00 8.86
C ARG B 337 25.14 1.48 7.59
N ARG B 338 26.40 1.87 7.76
CA ARG B 338 27.22 2.39 6.68
C ARG B 338 27.84 1.23 5.89
N LEU B 339 28.57 0.36 6.59
CA LEU B 339 29.09 -0.84 5.95
C LEU B 339 28.00 -1.61 5.23
N TYR B 340 26.84 -1.77 5.88
CA TYR B 340 25.73 -2.44 5.21
C TYR B 340 25.30 -1.63 3.99
N GLU B 341 25.16 -0.31 4.17
CA GLU B 341 24.81 0.50 3.00
C GLU B 341 25.87 0.33 1.93
N GLU B 342 27.10 0.66 2.30
CA GLU B 342 28.29 0.62 1.50
C GLU B 342 28.34 -0.59 0.56
N ALA B 343 28.21 -1.74 1.21
CA ALA B 343 28.31 -3.06 0.61
C ALA B 343 27.08 -3.38 -0.23
N ASP B 344 26.14 -2.45 -0.30
CA ASP B 344 25.00 -2.70 -1.17
C ASP B 344 24.21 -3.94 -0.73
N LEU B 345 24.11 -4.11 0.57
CA LEU B 345 23.27 -5.13 1.18
C LEU B 345 21.83 -4.96 0.72
N GLN B 346 21.50 -3.69 0.50
CA GLN B 346 20.21 -3.21 0.04
C GLN B 346 19.89 -3.77 -1.34
N GLY B 347 20.94 -4.07 -2.09
CA GLY B 347 20.86 -4.66 -3.40
C GLY B 347 20.81 -6.18 -3.31
N ASP B 348 21.63 -6.76 -2.44
CA ASP B 348 21.64 -8.21 -2.26
C ASP B 348 20.25 -8.72 -1.88
N TYR B 349 19.50 -7.91 -1.13
CA TYR B 349 18.15 -8.29 -0.77
C TYR B 349 17.27 -8.53 -2.00
N VAL B 350 17.06 -7.49 -2.78
CA VAL B 350 16.25 -7.52 -3.99
C VAL B 350 16.54 -8.74 -4.83
N ALA B 351 17.82 -9.10 -4.90
CA ALA B 351 18.21 -10.28 -5.67
C ALA B 351 17.64 -11.52 -4.99
N TYR B 352 17.90 -11.64 -3.69
CA TYR B 352 17.25 -12.64 -2.85
C TYR B 352 15.75 -12.73 -3.13
N GLU B 353 15.07 -11.64 -2.83
CA GLU B 353 13.65 -11.47 -3.01
C GLU B 353 13.15 -12.01 -4.34
N ALA B 354 13.93 -11.83 -5.40
CA ALA B 354 13.47 -12.25 -6.72
C ALA B 354 13.71 -13.74 -6.95
N ALA B 355 14.85 -14.24 -6.45
CA ALA B 355 15.08 -15.68 -6.60
C ALA B 355 13.95 -16.42 -5.88
N VAL B 356 13.79 -16.12 -4.60
CA VAL B 356 12.70 -16.63 -3.79
C VAL B 356 11.38 -16.58 -4.55
N ALA B 357 11.09 -15.42 -5.14
CA ALA B 357 9.88 -15.18 -5.92
C ALA B 357 9.75 -16.15 -7.09
N GLU B 358 10.83 -16.34 -7.86
CA GLU B 358 10.80 -17.31 -8.95
C GLU B 358 10.36 -18.68 -8.45
N GLN B 359 11.12 -19.25 -7.51
CA GLN B 359 10.87 -20.61 -7.02
C GLN B 359 9.53 -20.72 -6.30
N VAL B 360 9.13 -19.70 -5.54
CA VAL B 360 7.85 -19.78 -4.85
C VAL B 360 6.73 -20.01 -5.87
N LYS B 361 6.83 -19.39 -7.02
CA LYS B 361 5.89 -19.49 -8.13
C LYS B 361 6.00 -20.80 -8.88
N GLU B 362 7.22 -21.34 -9.00
CA GLU B 362 7.36 -22.65 -9.63
C GLU B 362 6.74 -23.71 -8.71
N LEU B 363 7.06 -23.61 -7.42
CA LEU B 363 6.51 -24.49 -6.40
C LEU B 363 4.99 -24.45 -6.36
N ILE B 364 4.43 -23.25 -6.25
CA ILE B 364 2.98 -23.09 -6.17
C ILE B 364 2.32 -23.62 -7.44
N GLU B 365 3.06 -23.61 -8.55
CA GLU B 365 2.46 -24.15 -9.77
C GLU B 365 2.34 -25.67 -9.64
N LYS B 366 3.37 -26.33 -9.12
CA LYS B 366 3.34 -27.78 -8.94
C LYS B 366 2.14 -28.23 -8.12
N LEU B 367 1.70 -27.35 -7.24
CA LEU B 367 0.59 -27.43 -6.32
C LEU B 367 -0.77 -27.36 -7.02
N ARG B 368 -0.99 -26.28 -7.73
CA ARG B 368 -2.21 -26.00 -8.48
C ARG B 368 -2.76 -27.23 -9.20
N LEU B 369 -1.87 -27.93 -9.89
CA LEU B 369 -2.15 -29.11 -10.69
C LEU B 369 -3.13 -30.04 -9.96
N CYS B 370 -2.60 -30.66 -8.92
CA CYS B 370 -3.36 -31.58 -8.10
C CYS B 370 -4.22 -30.83 -7.09
N SER B 371 -3.69 -29.75 -6.52
CA SER B 371 -4.39 -29.00 -5.48
C SER B 371 -4.64 -27.54 -5.85
N PRO B 372 -5.50 -27.27 -6.82
CA PRO B 372 -5.76 -25.90 -7.26
C PRO B 372 -6.50 -25.08 -6.21
N GLY B 373 -7.44 -25.71 -5.50
CA GLY B 373 -8.13 -24.94 -4.47
C GLY B 373 -7.12 -24.44 -3.43
N PHE B 374 -6.35 -25.40 -2.93
CA PHE B 374 -5.34 -25.15 -1.92
C PHE B 374 -4.30 -24.15 -2.43
N ALA B 375 -3.73 -24.48 -3.57
CA ALA B 375 -2.73 -23.65 -4.23
C ALA B 375 -3.16 -22.18 -4.29
N ALA B 376 -4.45 -21.88 -4.37
CA ALA B 376 -4.80 -20.46 -4.44
C ALA B 376 -4.61 -19.75 -3.12
N SER B 377 -4.84 -20.44 -2.00
CA SER B 377 -4.71 -19.71 -0.73
C SER B 377 -3.25 -19.54 -0.38
N VAL B 378 -2.39 -20.42 -0.89
CA VAL B 378 -0.96 -20.17 -0.72
C VAL B 378 -0.59 -18.89 -1.46
N GLU B 379 -1.11 -18.74 -2.68
CA GLU B 379 -0.85 -17.51 -3.42
C GLU B 379 -1.28 -16.29 -2.61
N THR B 380 -2.50 -16.30 -2.05
CA THR B 380 -2.92 -15.19 -1.20
C THR B 380 -1.93 -14.93 -0.07
N LEU B 381 -1.48 -16.00 0.59
CA LEU B 381 -0.42 -15.95 1.59
C LEU B 381 0.84 -15.32 1.02
N TRP B 382 1.26 -15.77 -0.16
CA TRP B 382 2.36 -15.13 -0.86
C TRP B 382 2.09 -13.65 -1.12
N GLY B 383 0.81 -13.32 -1.33
CA GLY B 383 0.43 -11.94 -1.55
C GLY B 383 0.67 -11.10 -0.31
N LYS B 384 0.44 -11.69 0.85
CA LYS B 384 0.59 -10.88 2.07
C LYS B 384 2.06 -10.82 2.48
N THR B 385 2.90 -11.65 1.85
CA THR B 385 4.32 -11.68 2.20
C THR B 385 5.14 -10.85 1.23
N TYR B 386 4.95 -11.00 -0.07
CA TYR B 386 5.74 -10.29 -1.07
C TYR B 386 5.80 -8.78 -0.82
N LYS B 387 4.63 -8.19 -0.62
CA LYS B 387 4.52 -6.76 -0.31
C LYS B 387 5.50 -6.44 0.82
N ARG B 388 4.99 -6.65 2.02
CA ARG B 388 5.64 -6.51 3.30
C ARG B 388 6.63 -5.35 3.33
N GLN B 389 6.10 -4.22 3.76
CA GLN B 389 6.83 -2.99 4.06
C GLN B 389 6.37 -2.51 5.43
N LYS B 390 5.16 -2.95 5.76
CA LYS B 390 4.48 -2.56 7.00
C LYS B 390 4.29 -1.05 7.02
#